data_9NQU
#
_entry.id   9NQU
#
_cell.length_a   1.00
_cell.length_b   1.00
_cell.length_c   1.00
_cell.angle_alpha   90.00
_cell.angle_beta   90.00
_cell.angle_gamma   90.00
#
_symmetry.space_group_name_H-M   'P 1'
#
loop_
_entity.id
_entity.type
_entity.pdbx_description
1 polymer 'Histone H3.2'
2 polymer 'Histone H4'
3 polymer 'Histone H2A type 1'
4 polymer 'Histone H2B type 1-C/E/F/G/I'
5 polymer 'DNA (185-MER)'
6 polymer 'DNA (185-MER)'
7 polymer 'Lysine-specific demethylase 6B'
8 non-polymer 'FE (III) ION'
9 non-polymer 'ZINC ION'
10 non-polymer N-heptanoyl-N-hydroxy-beta-alanine
#
loop_
_entity_poly.entity_id
_entity_poly.type
_entity_poly.pdbx_seq_one_letter_code
_entity_poly.pdbx_strand_id
1 'polypeptide(L)'
;ARTKQTARKSTGGKAPRKQLATKAARCSAPATGGVKKPHRYRPGTVALREIRRYQKSTELLIRKLPFQRLVREIAQDFKT
DLRFQSSAVMALQEASEAYLVGLFEDTNLAAIHAKRVTIMPKDIQLARRIRGERA
;
A,E
2 'polypeptide(L)'
;SGRGKGGKGLGKGGAKRHRKVLRDNIQGITKPAIRRLARRGGVKRISGLIYEETRGVLKVFLENVIRDAVTYTEHAKRKT
VTAMDVVYALKRQGRTLYGFGG
;
B,F
3 'polypeptide(L)'
;SGRGKQGGKARAKAKTRSSRAGLQFPVGRVHRLLRKGNYAERVGAGAPVYLAAVLEYLTAEILELAGNAARDNKKTRIIP
RHLQLAIRNDEELNKLLGKVTIAQGGVLPNIQAVLLPKKTESHHKAKGK
;
C,G
4 'polypeptide(L)'
;PEPAKSAPAPKKGSKKAVTKAQKKDGKKRKRSRKESYSVYVYKVLKQVHPDTGISSKAMGIMNSFVNDIFERIAGEASRL
AHYNKRSTITSREIQTAVRLLLPGELAKHAVSEGTKAVTKYTSSK
;
D,H
5 'polydeoxyribonucleotide'
;(DA)(DT)(DC)(DC)(DC)(DT)(DA)(DT)(DA)(DC)(DG)(DC)(DG)(DG)(DC)(DC)(DG)(DC)(DC)(DC)
(DT)(DG)(DG)(DA)(DG)(DA)(DA)(DT)(DC)(DC)(DC)(DG)(DG)(DT)(DG)(DC)(DC)(DG)(DA)(DG)
(DG)(DC)(DC)(DG)(DC)(DT)(DC)(DA)(DA)(DT)(DT)(DG)(DG)(DT)(DC)(DG)(DT)(DA)(DG)(DA)
(DC)(DA)(DG)(DC)(DT)(DC)(DT)(DA)(DG)(DC)(DA)(DC)(DC)(DG)(DC)(DT)(DT)(DA)(DA)(DA)
(DC)(DG)(DC)(DA)(DC)(DG)(DT)(DA)(DC)(DG)(DC)(DG)(DC)(DT)(DG)(DT)(DC)(DC)(DC)(DC)
(DC)(DG)(DC)(DG)(DT)(DT)(DT)(DT)(DA)(DA)(DC)(DC)(DG)(DC)(DC)(DA)(DA)(DG)(DG)(DG)
(DG)(DA)(DT)(DT)(DA)(DC)(DT)(DC)(DC)(DC)(DT)(DA)(DG)(DT)(DC)(DT)(DC)(DC)(DA)(DG)
(DG)(DC)(DA)(DC)(DG)(DT)(DG)(DT)(DC)(DA)(DG)(DA)(DT)(DA)(DT)(DA)(DT)(DA)(DC)(DA)
(DT)(DC)(DC)(DT)(DG)(DT)(DG)(DC)(DA)(DT)(DG)(DT)(DA)(DT)(DT)(DG)(DA)(DA)(DC)(DA)
(DG)(DC)(DG)(DA)(DT)
;
I
6 'polydeoxyribonucleotide'
;(DA)(DT)(DC)(DG)(DC)(DT)(DG)(DT)(DT)(DC)(DA)(DA)(DT)(DA)(DC)(DA)(DT)(DG)(DC)(DA)
(DC)(DA)(DG)(DG)(DA)(DT)(DG)(DT)(DA)(DT)(DA)(DT)(DA)(DT)(DC)(DT)(DG)(DA)(DC)(DA)
(DC)(DG)(DT)(DG)(DC)(DC)(DT)(DG)(DG)(DA)(DG)(DA)(DC)(DT)(DA)(DG)(DG)(DG)(DA)(DG)
(DT)(DA)(DA)(DT)(DC)(DC)(DC)(DC)(DT)(DT)(DG)(DG)(DC)(DG)(DG)(DT)(DT)(DA)(DA)(DA)
(DA)(DC)(DG)(DC)(DG)(DG)(DG)(DG)(DG)(DA)(DC)(DA)(DG)(DC)(DG)(DC)(DG)(DT)(DA)(DC)
(DG)(DT)(DG)(DC)(DG)(DT)(DT)(DT)(DA)(DA)(DG)(DC)(DG)(DG)(DT)(DG)(DC)(DT)(DA)(DG)
(DA)(DG)(DC)(DT)(DG)(DT)(DC)(DT)(DA)(DC)(DG)(DA)(DC)(DC)(DA)(DA)(DT)(DT)(DG)(DA)
(DG)(DC)(DG)(DG)(DC)(DC)(DT)(DC)(DG)(DG)(DC)(DA)(DC)(DC)(DG)(DG)(DG)(DA)(DT)(DT)
(DC)(DT)(DC)(DC)(DA)(DG)(DG)(DG)(DC)(DG)(DG)(DC)(DC)(DG)(DC)(DG)(DT)(DA)(DT)(DA)
(DG)(DG)(DG)(DA)(DT)
;
J
7 'polypeptide(L)'
;GSDLTISHCAADVMRASKNAKVKGKFRESYLSPAQSVKPKINTEEKLPREKLNPPTPSIYLESKRDAFSPVLLQFCTDPR
NPITVIRGLAGSLRLNLGLFSTKTLVEASGEHTVEVRTQVQQPSDENWDLTGTRQIWPCESSRSHTTIAKYAQYQASSFQ
ESLQEERESEDEESEEPDSTTGTSPSSAPDPKNHHIIKFGTNIDLSDAKRWKPQLQELLKLPAFMRVTSTGNMLSHVGHT
ILGMNTVQLYMKVPGSRTPGHQENNNFCSVNINIGPGDCEWFAVHEHYWETISAFCDRHGVDYLTGSWWPILDDLYASNI
PVYRFVQRPGDLVWINAGTVHWVQATGWCNNIAWNVGPLTAYQYQLALERYEWNEVKNVKSIVPMIHVSWNVARTVKISD
PDLFKMIKFCLLQSMKHCQVQRESLVRAGKKIAYQGRVKDEPAYYCNECDVEVFNILFVTSENGSRNTYLVHCEGCARRR
SAGLQGVVVLEQYRTEELAQAYDAFTLAPASTSR
;
K
#
loop_
_chem_comp.id
_chem_comp.type
_chem_comp.name
_chem_comp.formula
DA DNA linking 2'-DEOXYADENOSINE-5'-MONOPHOSPHATE 'C10 H14 N5 O6 P'
DC DNA linking 2'-DEOXYCYTIDINE-5'-MONOPHOSPHATE 'C9 H14 N3 O7 P'
DG DNA linking 2'-DEOXYGUANOSINE-5'-MONOPHOSPHATE 'C10 H14 N5 O7 P'
DT DNA linking THYMIDINE-5'-MONOPHOSPHATE 'C10 H15 N2 O8 P'
FE non-polymer 'FE (III) ION' 'Fe 3'
OH0 non-polymer N-heptanoyl-N-hydroxy-beta-alanine 'C10 H19 N O4'
ZN non-polymer 'ZINC ION' 'Zn 2'
#
# COMPACT_ATOMS: atom_id res chain seq x y z
N PRO A 38 -6.05 -44.54 29.08
CA PRO A 38 -5.11 -43.75 28.27
C PRO A 38 -5.56 -42.31 28.08
N HIS A 39 -5.37 -41.47 29.08
CA HIS A 39 -5.73 -40.06 29.00
C HIS A 39 -4.67 -39.33 28.18
N ARG A 40 -5.00 -38.97 26.95
CA ARG A 40 -4.09 -38.25 26.06
C ARG A 40 -4.55 -36.81 25.92
N TYR A 41 -3.62 -35.88 26.10
CA TYR A 41 -3.91 -34.47 25.90
C TYR A 41 -3.88 -34.13 24.42
N ARG A 42 -4.80 -33.27 24.00
CA ARG A 42 -4.87 -32.90 22.60
C ARG A 42 -3.62 -32.12 22.20
N PRO A 43 -3.20 -32.22 20.94
CA PRO A 43 -1.98 -31.51 20.52
C PRO A 43 -2.10 -30.03 20.78
N GLY A 44 -1.01 -29.44 21.30
CA GLY A 44 -0.96 -28.03 21.60
C GLY A 44 -1.35 -27.66 23.02
N THR A 45 -1.84 -28.62 23.82
CA THR A 45 -2.19 -28.31 25.20
C THR A 45 -1.01 -28.47 26.15
N VAL A 46 -0.11 -29.41 25.88
CA VAL A 46 1.11 -29.51 26.68
C VAL A 46 2.12 -28.45 26.23
N ALA A 47 2.03 -28.02 24.98
CA ALA A 47 2.92 -26.96 24.50
C ALA A 47 2.68 -25.66 25.26
N LEU A 48 1.43 -25.30 25.50
CA LEU A 48 1.14 -24.09 26.25
C LEU A 48 1.56 -24.23 27.71
N ARG A 49 1.38 -25.41 28.30
CA ARG A 49 1.86 -25.64 29.64
C ARG A 49 3.37 -25.47 29.73
N GLU A 50 4.09 -26.00 28.74
CA GLU A 50 5.55 -25.82 28.72
C GLU A 50 5.93 -24.36 28.51
N ILE A 51 5.19 -23.65 27.67
CA ILE A 51 5.47 -22.23 27.46
C ILE A 51 5.34 -21.47 28.77
N ARG A 52 4.25 -21.73 29.50
CA ARG A 52 4.06 -21.06 30.78
C ARG A 52 5.13 -21.45 31.79
N ARG A 53 5.50 -22.74 31.82
CA ARG A 53 6.51 -23.20 32.77
C ARG A 53 7.86 -22.55 32.49
N TYR A 54 8.25 -22.47 31.22
CA TYR A 54 9.56 -21.91 30.86
C TYR A 54 9.57 -20.40 30.85
N GLN A 55 8.41 -19.74 30.80
CA GLN A 55 8.39 -18.29 30.93
C GLN A 55 8.40 -17.84 32.39
N LYS A 56 7.92 -18.69 33.30
CA LYS A 56 7.97 -18.40 34.73
C LYS A 56 9.34 -18.58 35.33
N SER A 57 10.26 -19.24 34.62
CA SER A 57 11.55 -19.63 35.19
C SER A 57 12.68 -18.77 34.62
N THR A 58 13.88 -19.03 35.12
CA THR A 58 15.08 -18.32 34.68
C THR A 58 16.25 -19.25 34.40
N GLU A 59 16.10 -20.55 34.60
CA GLU A 59 17.20 -21.49 34.49
C GLU A 59 17.73 -21.55 33.06
N LEU A 60 19.02 -21.86 32.94
CA LEU A 60 19.63 -22.03 31.62
C LEU A 60 19.06 -23.30 30.96
N LEU A 61 18.56 -23.14 29.74
CA LEU A 61 17.84 -24.21 29.06
C LEU A 61 18.74 -25.21 28.36
N ILE A 62 20.02 -24.90 28.17
CA ILE A 62 20.95 -25.81 27.51
C ILE A 62 21.81 -26.49 28.56
N ARG A 63 22.18 -27.74 28.28
CA ARG A 63 23.06 -28.48 29.17
C ARG A 63 24.44 -27.85 29.17
N LYS A 64 24.99 -27.61 30.37
CA LYS A 64 26.20 -26.81 30.48
C LYS A 64 27.39 -27.48 29.79
N LEU A 65 27.54 -28.79 29.96
CA LEU A 65 28.72 -29.46 29.39
C LEU A 65 28.75 -29.41 27.87
N PRO A 66 27.68 -29.74 27.15
CA PRO A 66 27.74 -29.62 25.69
C PRO A 66 28.03 -28.22 25.21
N PHE A 67 27.46 -27.21 25.87
CA PHE A 67 27.73 -25.83 25.49
C PHE A 67 29.19 -25.46 25.74
N GLN A 68 29.75 -25.92 26.86
CA GLN A 68 31.17 -25.69 27.14
C GLN A 68 32.03 -26.31 26.06
N ARG A 69 31.73 -27.54 25.66
CA ARG A 69 32.49 -28.19 24.61
C ARG A 69 32.38 -27.44 23.29
N LEU A 70 31.17 -26.97 22.96
CA LEU A 70 31.00 -26.19 21.73
C LEU A 70 31.81 -24.91 21.76
N VAL A 71 31.80 -24.22 22.90
CA VAL A 71 32.56 -22.97 23.02
C VAL A 71 34.05 -23.25 22.86
N ARG A 72 34.55 -24.30 23.49
CA ARG A 72 35.97 -24.63 23.36
C ARG A 72 36.32 -24.96 21.91
N GLU A 73 35.47 -25.74 21.24
CA GLU A 73 35.75 -26.08 19.84
C GLU A 73 35.77 -24.84 18.96
N ILE A 74 34.81 -23.93 19.17
CA ILE A 74 34.77 -22.71 18.37
C ILE A 74 36.02 -21.87 18.62
N ALA A 75 36.43 -21.77 19.88
CA ALA A 75 37.59 -20.95 20.20
C ALA A 75 38.88 -21.53 19.64
N GLN A 76 39.00 -22.87 19.61
CA GLN A 76 40.27 -23.46 19.19
C GLN A 76 40.66 -23.08 17.76
N ASP A 77 39.70 -22.61 16.96
CA ASP A 77 40.04 -22.16 15.61
C ASP A 77 40.78 -20.83 15.65
N PHE A 78 40.38 -19.92 16.54
CA PHE A 78 41.02 -18.61 16.62
C PHE A 78 42.39 -18.68 17.27
N LYS A 79 42.44 -19.10 18.53
CA LYS A 79 43.69 -19.24 19.27
C LYS A 79 43.78 -20.65 19.84
N THR A 80 45.01 -21.15 19.90
CA THR A 80 45.26 -22.50 20.36
C THR A 80 45.47 -22.56 21.87
N ASP A 81 45.09 -23.68 22.47
CA ASP A 81 45.33 -23.96 23.88
C ASP A 81 44.78 -22.84 24.77
N LEU A 82 43.57 -22.38 24.44
CA LEU A 82 42.91 -21.37 25.25
C LEU A 82 42.33 -22.00 26.52
N ARG A 83 42.33 -21.22 27.60
CA ARG A 83 41.70 -21.60 28.86
C ARG A 83 40.58 -20.63 29.15
N PHE A 84 39.41 -21.15 29.48
CA PHE A 84 38.21 -20.35 29.73
C PHE A 84 37.92 -20.33 31.22
N GLN A 85 37.69 -19.13 31.76
CA GLN A 85 37.12 -19.03 33.10
C GLN A 85 35.72 -19.61 33.10
N SER A 86 35.32 -20.17 34.24
CA SER A 86 33.95 -20.67 34.35
C SER A 86 32.94 -19.54 34.17
N SER A 87 33.25 -18.37 34.73
CA SER A 87 32.39 -17.22 34.56
C SER A 87 32.27 -16.81 33.10
N ALA A 88 33.35 -16.92 32.34
CA ALA A 88 33.30 -16.57 30.92
C ALA A 88 32.34 -17.48 30.17
N VAL A 89 32.41 -18.79 30.44
CA VAL A 89 31.52 -19.73 29.78
C VAL A 89 30.07 -19.49 30.20
N MET A 90 29.85 -19.18 31.48
CA MET A 90 28.51 -18.88 31.95
C MET A 90 27.95 -17.64 31.25
N ALA A 91 28.77 -16.60 31.10
CA ALA A 91 28.33 -15.40 30.41
C ALA A 91 28.01 -15.69 28.95
N LEU A 92 28.86 -16.48 28.29
CA LEU A 92 28.60 -16.85 26.91
C LEU A 92 27.27 -17.59 26.78
N GLN A 93 27.02 -18.54 27.69
CA GLN A 93 25.77 -19.30 27.62
C GLN A 93 24.57 -18.41 27.87
N GLU A 94 24.66 -17.50 28.85
CA GLU A 94 23.54 -16.60 29.13
C GLU A 94 23.24 -15.71 27.93
N ALA A 95 24.29 -15.15 27.31
CA ALA A 95 24.08 -14.32 26.13
C ALA A 95 23.47 -15.12 24.98
N SER A 96 23.94 -16.34 24.77
CA SER A 96 23.38 -17.17 23.69
C SER A 96 21.91 -17.49 23.95
N GLU A 97 21.57 -17.82 25.20
CA GLU A 97 20.17 -18.09 25.52
C GLU A 97 19.30 -16.87 25.27
N ALA A 98 19.77 -15.69 25.69
CA ALA A 98 18.98 -14.48 25.46
C ALA A 98 18.80 -14.23 23.97
N TYR A 99 19.87 -14.36 23.19
CA TYR A 99 19.79 -14.13 21.76
C TYR A 99 18.80 -15.09 21.10
N LEU A 100 18.88 -16.37 21.45
CA LEU A 100 17.99 -17.34 20.81
C LEU A 100 16.55 -17.15 21.24
N VAL A 101 16.31 -16.80 22.50
CA VAL A 101 14.95 -16.57 22.96
C VAL A 101 14.34 -15.39 22.22
N GLY A 102 15.10 -14.29 22.10
CA GLY A 102 14.59 -13.14 21.38
C GLY A 102 14.34 -13.43 19.91
N LEU A 103 15.27 -14.15 19.27
CA LEU A 103 15.08 -14.53 17.88
C LEU A 103 13.84 -15.39 17.72
N PHE A 104 13.57 -16.28 18.68
CA PHE A 104 12.38 -17.11 18.59
C PHE A 104 11.12 -16.29 18.76
N GLU A 105 11.15 -15.28 19.63
CA GLU A 105 9.99 -14.38 19.73
C GLU A 105 9.73 -13.69 18.40
N ASP A 106 10.77 -13.13 17.79
CA ASP A 106 10.58 -12.45 16.50
C ASP A 106 10.12 -13.43 15.42
N THR A 107 10.64 -14.65 15.43
CA THR A 107 10.25 -15.65 14.45
C THR A 107 8.80 -16.08 14.65
N ASN A 108 8.37 -16.16 15.91
CA ASN A 108 6.97 -16.45 16.17
C ASN A 108 6.07 -15.34 15.64
N LEU A 109 6.49 -14.08 15.81
CA LEU A 109 5.72 -12.99 15.20
C LEU A 109 5.69 -13.11 13.68
N ALA A 110 6.82 -13.44 13.07
CA ALA A 110 6.87 -13.58 11.62
C ALA A 110 5.97 -14.72 11.13
N ALA A 111 5.87 -15.79 11.91
CA ALA A 111 4.99 -16.88 11.55
C ALA A 111 3.53 -16.49 11.70
N ILE A 112 3.13 -15.85 12.78
CA ILE A 112 1.68 -15.53 12.98
C ILE A 112 1.17 -14.65 11.83
N HIS A 113 2.00 -13.71 11.36
CA HIS A 113 1.58 -12.76 10.28
C HIS A 113 1.21 -13.54 9.01
N ALA A 114 1.92 -14.63 8.73
CA ALA A 114 1.67 -15.42 7.50
C ALA A 114 0.62 -16.47 7.79
N LYS A 115 -0.33 -16.15 8.67
CA LYS A 115 -1.44 -17.08 9.00
C LYS A 115 -0.88 -18.49 9.22
N ARG A 116 -0.12 -18.68 10.29
CA ARG A 116 0.47 -20.01 10.61
C ARG A 116 0.84 -20.05 12.08
N VAL A 117 0.65 -21.18 12.73
CA VAL A 117 1.07 -21.42 14.10
C VAL A 117 2.45 -22.08 14.15
N THR A 118 2.89 -22.71 13.07
CA THR A 118 4.19 -23.34 13.01
C THR A 118 5.23 -22.35 12.51
N ILE A 119 6.35 -22.31 13.20
CA ILE A 119 7.51 -21.53 12.77
C ILE A 119 8.37 -22.42 11.89
N MET A 120 9.06 -21.81 10.92
CA MET A 120 9.88 -22.57 9.98
C MET A 120 11.16 -21.81 9.65
N PRO A 121 12.09 -22.44 8.92
CA PRO A 121 13.35 -21.75 8.61
C PRO A 121 13.15 -20.43 7.87
N LYS A 122 12.13 -20.34 7.01
CA LYS A 122 11.89 -19.08 6.32
C LYS A 122 11.45 -17.98 7.27
N ASP A 123 10.71 -18.33 8.33
CA ASP A 123 10.35 -17.34 9.35
C ASP A 123 11.60 -16.80 10.03
N ILE A 124 12.53 -17.68 10.39
CA ILE A 124 13.76 -17.25 11.04
C ILE A 124 14.58 -16.39 10.09
N GLN A 125 14.67 -16.78 8.81
CA GLN A 125 15.42 -15.99 7.84
C GLN A 125 14.81 -14.61 7.67
N LEU A 126 13.48 -14.51 7.63
CA LEU A 126 12.84 -13.20 7.57
C LEU A 126 13.11 -12.38 8.82
N ALA A 127 13.02 -13.00 10.00
CA ALA A 127 13.30 -12.26 11.23
C ALA A 127 14.73 -11.76 11.26
N ARG A 128 15.67 -12.52 10.67
CA ARG A 128 17.05 -12.08 10.62
C ARG A 128 17.27 -10.98 9.59
N ARG A 129 16.61 -11.06 8.44
CA ARG A 129 16.75 -10.03 7.43
C ARG A 129 16.17 -8.70 7.89
N ILE A 130 14.92 -8.73 8.38
CA ILE A 130 14.30 -7.51 8.88
C ILE A 130 15.06 -6.95 10.07
N ARG A 131 15.91 -7.76 10.69
CA ARG A 131 16.74 -7.34 11.81
C ARG A 131 18.08 -6.74 11.39
N GLY A 132 18.40 -6.76 10.09
CA GLY A 132 19.67 -6.26 9.62
C GLY A 132 20.87 -7.08 10.08
N GLU A 133 20.70 -8.40 10.18
CA GLU A 133 21.79 -9.31 10.56
C GLU A 133 21.62 -10.57 9.73
N ARG A 134 22.32 -10.61 8.59
CA ARG A 134 22.18 -11.73 7.67
C ARG A 134 23.43 -11.90 6.83
N ASN B 25 29.80 -32.11 17.11
CA ASN B 25 29.96 -31.38 18.37
C ASN B 25 28.97 -30.23 18.48
N ILE B 26 28.64 -29.63 17.33
CA ILE B 26 27.56 -28.65 17.31
C ILE B 26 26.23 -29.33 17.61
N GLN B 27 26.14 -30.63 17.38
CA GLN B 27 24.92 -31.39 17.62
C GLN B 27 24.64 -31.50 19.10
N GLY B 28 25.59 -31.07 19.94
CA GLY B 28 25.40 -31.09 21.37
C GLY B 28 24.24 -30.23 21.84
N ILE B 29 23.81 -29.28 21.02
CA ILE B 29 22.60 -28.51 21.32
C ILE B 29 21.42 -29.33 20.82
N THR B 30 20.93 -30.22 21.69
CA THR B 30 19.96 -31.22 21.27
C THR B 30 18.64 -30.56 20.86
N LYS B 31 17.80 -31.35 20.20
CA LYS B 31 16.48 -30.88 19.82
C LYS B 31 15.65 -30.45 21.02
N PRO B 32 15.62 -31.20 22.13
CA PRO B 32 14.87 -30.75 23.31
C PRO B 32 15.32 -29.39 23.83
N ALA B 33 16.62 -29.11 23.73
CA ALA B 33 17.12 -27.80 24.19
C ALA B 33 16.54 -26.68 23.33
N ILE B 34 16.56 -26.86 22.01
CA ILE B 34 15.99 -25.84 21.13
C ILE B 34 14.48 -25.73 21.34
N ARG B 35 13.81 -26.84 21.62
CA ARG B 35 12.38 -26.79 21.91
C ARG B 35 12.11 -26.00 23.19
N ARG B 36 12.95 -26.19 24.22
CA ARG B 36 12.81 -25.42 25.44
C ARG B 36 13.01 -23.94 25.18
N LEU B 37 14.03 -23.60 24.38
CA LEU B 37 14.27 -22.20 24.04
C LEU B 37 13.08 -21.60 23.30
N ALA B 38 12.52 -22.34 22.33
CA ALA B 38 11.36 -21.86 21.61
C ALA B 38 10.16 -21.70 22.52
N ARG B 39 9.96 -22.64 23.44
CA ARG B 39 8.85 -22.54 24.39
C ARG B 39 8.99 -21.28 25.24
N ARG B 40 10.20 -21.01 25.72
CA ARG B 40 10.42 -19.76 26.45
C ARG B 40 10.16 -18.55 25.56
N GLY B 41 10.47 -18.66 24.26
CA GLY B 41 10.18 -17.58 23.33
C GLY B 41 8.71 -17.46 22.97
N GLY B 42 7.94 -18.53 23.15
CA GLY B 42 6.51 -18.51 22.89
C GLY B 42 6.04 -19.39 21.76
N VAL B 43 6.95 -20.03 21.01
CA VAL B 43 6.52 -20.86 19.89
C VAL B 43 5.67 -22.03 20.38
N LYS B 44 4.59 -22.31 19.66
CA LYS B 44 3.68 -23.40 20.01
C LYS B 44 3.93 -24.65 19.19
N ARG B 45 3.98 -24.54 17.86
CA ARG B 45 4.42 -25.61 16.99
C ARG B 45 5.79 -25.27 16.41
N ILE B 46 6.62 -26.30 16.22
CA ILE B 46 7.96 -26.13 15.69
C ILE B 46 8.14 -27.08 14.52
N SER B 47 8.61 -26.55 13.40
CA SER B 47 8.88 -27.38 12.23
C SER B 47 10.10 -28.27 12.48
N GLY B 48 10.21 -29.32 11.67
CA GLY B 48 11.31 -30.24 11.81
C GLY B 48 12.65 -29.72 11.31
N LEU B 49 12.62 -28.73 10.42
CA LEU B 49 13.83 -28.18 9.84
C LEU B 49 14.40 -27.02 10.63
N ILE B 50 13.77 -26.65 11.75
CA ILE B 50 14.18 -25.46 12.47
C ILE B 50 15.39 -25.73 13.36
N TYR B 51 15.61 -26.98 13.74
CA TYR B 51 16.72 -27.27 14.65
C TYR B 51 18.07 -27.02 13.98
N GLU B 52 18.21 -27.42 12.71
CA GLU B 52 19.43 -27.12 11.97
C GLU B 52 19.63 -25.62 11.80
N GLU B 53 18.55 -24.91 11.50
CA GLU B 53 18.63 -23.45 11.36
C GLU B 53 19.08 -22.80 12.65
N THR B 54 18.51 -23.22 13.79
CA THR B 54 18.90 -22.67 15.07
C THR B 54 20.35 -22.99 15.39
N ARG B 55 20.79 -24.21 15.06
CA ARG B 55 22.20 -24.55 15.27
C ARG B 55 23.11 -23.65 14.46
N GLY B 56 22.77 -23.39 13.20
CA GLY B 56 23.58 -22.48 12.40
C GLY B 56 23.60 -21.07 12.95
N VAL B 57 22.43 -20.57 13.37
CA VAL B 57 22.36 -19.21 13.92
C VAL B 57 23.21 -19.11 15.18
N LEU B 58 23.09 -20.10 16.07
CA LEU B 58 23.87 -20.08 17.31
C LEU B 58 25.36 -20.17 17.00
N LYS B 59 25.74 -21.00 16.02
CA LYS B 59 27.14 -21.10 15.68
C LYS B 59 27.70 -19.77 15.20
N VAL B 60 26.94 -19.07 14.34
CA VAL B 60 27.43 -17.79 13.83
C VAL B 60 27.54 -16.76 14.96
N PHE B 61 26.52 -16.68 15.81
CA PHE B 61 26.55 -15.74 16.93
C PHE B 61 27.74 -16.01 17.84
N LEU B 62 27.91 -17.28 18.23
CA LEU B 62 29.02 -17.64 19.11
C LEU B 62 30.35 -17.38 18.44
N GLU B 63 30.45 -17.63 17.14
CA GLU B 63 31.71 -17.36 16.44
C GLU B 63 32.07 -15.90 16.53
N ASN B 64 31.12 -15.00 16.24
CA ASN B 64 31.42 -13.58 16.32
C ASN B 64 31.84 -13.18 17.73
N VAL B 65 31.04 -13.59 18.72
CA VAL B 65 31.32 -13.17 20.10
C VAL B 65 32.66 -13.72 20.57
N ILE B 66 32.93 -14.99 20.26
CA ILE B 66 34.17 -15.61 20.73
C ILE B 66 35.37 -15.03 20.03
N ARG B 67 35.26 -14.69 18.74
CA ARG B 67 36.37 -14.04 18.07
C ARG B 67 36.67 -12.70 18.74
N ASP B 68 35.64 -11.91 19.04
CA ASP B 68 35.86 -10.65 19.73
C ASP B 68 36.53 -10.86 21.08
N ALA B 69 36.03 -11.82 21.86
CA ALA B 69 36.58 -12.06 23.19
C ALA B 69 38.02 -12.55 23.12
N VAL B 70 38.33 -13.43 22.17
CA VAL B 70 39.67 -13.96 22.05
C VAL B 70 40.64 -12.86 21.62
N THR B 71 40.21 -11.97 20.72
CA THR B 71 41.05 -10.82 20.39
C THR B 71 41.29 -9.95 21.61
N TYR B 72 40.25 -9.71 22.40
CA TYR B 72 40.40 -8.92 23.62
C TYR B 72 41.43 -9.54 24.55
N THR B 73 41.32 -10.85 24.79
CA THR B 73 42.24 -11.52 25.70
C THR B 73 43.65 -11.54 25.13
N GLU B 74 43.79 -11.78 23.83
CA GLU B 74 45.11 -11.82 23.20
C GLU B 74 45.81 -10.48 23.28
N HIS B 75 45.04 -9.38 23.25
CA HIS B 75 45.66 -8.08 23.43
C HIS B 75 46.31 -7.96 24.80
N ALA B 76 45.66 -8.45 25.84
CA ALA B 76 46.21 -8.37 27.19
C ALA B 76 47.36 -9.34 27.42
N LYS B 77 47.83 -10.05 26.39
CA LYS B 77 48.93 -11.00 26.51
C LYS B 77 48.61 -12.06 27.57
N ARG B 78 47.51 -12.75 27.35
CA ARG B 78 47.02 -13.78 28.27
C ARG B 78 46.60 -15.00 27.48
N LYS B 79 46.38 -16.10 28.22
CA LYS B 79 45.87 -17.32 27.65
C LYS B 79 44.51 -17.73 28.17
N THR B 80 44.01 -17.07 29.22
CA THR B 80 42.70 -17.36 29.78
C THR B 80 41.71 -16.30 29.30
N VAL B 81 40.53 -16.77 28.89
CA VAL B 81 39.47 -15.87 28.40
C VAL B 81 38.63 -15.48 29.61
N THR B 82 38.84 -14.27 30.11
CA THR B 82 38.14 -13.79 31.29
C THR B 82 36.68 -13.54 30.98
N ALA B 83 35.86 -13.53 32.04
CA ALA B 83 34.45 -13.15 31.88
C ALA B 83 34.31 -11.71 31.45
N MET B 84 35.26 -10.85 31.83
CA MET B 84 35.23 -9.46 31.41
C MET B 84 35.45 -9.32 29.91
N ASP B 85 36.26 -10.20 29.33
CA ASP B 85 36.47 -10.17 27.88
C ASP B 85 35.18 -10.48 27.14
N VAL B 86 34.44 -11.48 27.61
CA VAL B 86 33.16 -11.81 26.99
C VAL B 86 32.18 -10.67 27.13
N VAL B 87 32.16 -10.03 28.30
CA VAL B 87 31.25 -8.91 28.52
C VAL B 87 31.59 -7.76 27.59
N TYR B 88 32.88 -7.46 27.44
CA TYR B 88 33.30 -6.40 26.52
C TYR B 88 32.94 -6.74 25.08
N ALA B 89 33.14 -8.00 24.68
CA ALA B 89 32.76 -8.39 23.32
C ALA B 89 31.27 -8.22 23.10
N LEU B 90 30.46 -8.64 24.08
CA LEU B 90 29.01 -8.49 23.94
C LEU B 90 28.61 -7.02 23.86
N LYS B 91 29.21 -6.17 24.70
CA LYS B 91 28.93 -4.74 24.64
C LYS B 91 29.32 -4.18 23.28
N ARG B 92 30.40 -4.68 22.70
CA ARG B 92 30.85 -4.19 21.40
C ARG B 92 29.90 -4.61 20.28
N GLN B 93 29.45 -5.87 20.31
CA GLN B 93 28.49 -6.33 19.30
C GLN B 93 27.17 -5.59 19.42
N GLY B 94 26.71 -5.34 20.64
CA GLY B 94 25.45 -4.65 20.83
C GLY B 94 24.54 -5.35 21.83
N ARG B 95 25.08 -6.31 22.56
CA ARG B 95 24.33 -7.06 23.58
C ARG B 95 24.98 -6.83 24.93
N THR B 96 24.59 -5.76 25.60
CA THR B 96 25.11 -5.49 26.94
C THR B 96 24.59 -6.52 27.93
N LEU B 97 25.50 -7.13 28.67
CA LEU B 97 25.16 -8.22 29.57
C LEU B 97 25.42 -7.79 31.01
N TYR B 98 24.41 -7.92 31.87
CA TYR B 98 24.53 -7.60 33.28
C TYR B 98 24.70 -8.87 34.09
N GLY B 99 25.48 -8.77 35.17
CA GLY B 99 25.67 -9.87 36.09
C GLY B 99 27.02 -10.55 36.03
N PHE B 100 28.01 -9.99 35.33
CA PHE B 100 29.33 -10.59 35.28
C PHE B 100 30.45 -9.56 35.40
N GLY B 101 30.13 -8.30 35.66
CA GLY B 101 31.14 -7.26 35.75
C GLY B 101 31.25 -6.44 34.48
N ARG C 11 68.84 23.98 12.00
CA ARG C 11 68.38 22.57 12.01
C ARG C 11 68.45 21.99 10.59
N ALA C 12 68.07 20.71 10.43
CA ALA C 12 68.10 20.05 9.10
C ALA C 12 66.81 20.30 8.31
N LYS C 13 66.81 19.90 7.03
CA LYS C 13 65.60 20.09 6.18
C LYS C 13 64.43 19.32 6.83
N ALA C 14 63.37 20.04 7.22
CA ALA C 14 62.23 19.40 7.90
C ALA C 14 61.57 18.41 6.96
N LYS C 15 61.57 17.11 7.32
CA LYS C 15 60.88 16.09 6.50
C LYS C 15 59.54 15.79 7.15
N THR C 16 58.44 15.98 6.43
CA THR C 16 57.13 15.73 7.01
C THR C 16 57.04 14.28 7.47
N ARG C 17 56.45 14.08 8.67
CA ARG C 17 56.37 12.74 9.23
C ARG C 17 55.67 11.78 8.28
N SER C 18 54.76 12.28 7.45
CA SER C 18 54.06 11.41 6.50
C SER C 18 55.02 10.82 5.49
N SER C 19 56.00 11.61 5.03
CA SER C 19 56.94 11.11 4.03
C SER C 19 57.77 9.95 4.56
N ARG C 20 58.24 10.05 5.81
CA ARG C 20 59.01 8.96 6.39
C ARG C 20 58.18 7.69 6.49
N ALA C 21 56.92 7.81 6.90
CA ALA C 21 56.01 6.68 6.91
C ALA C 21 55.60 6.25 5.51
N GLY C 22 55.95 7.02 4.49
CA GLY C 22 55.57 6.71 3.13
C GLY C 22 54.08 6.80 2.89
N LEU C 23 53.42 7.75 3.53
CA LEU C 23 51.97 7.90 3.47
C LEU C 23 51.59 9.16 2.70
N GLN C 24 50.29 9.39 2.58
CA GLN C 24 49.76 10.64 2.08
C GLN C 24 48.73 11.27 3.01
N PHE C 25 48.32 10.59 4.07
CA PHE C 25 47.50 11.20 5.10
C PHE C 25 48.39 11.84 6.16
N PRO C 26 47.89 12.82 6.88
CA PRO C 26 48.73 13.59 7.80
C PRO C 26 48.99 12.83 9.09
N VAL C 27 50.22 12.34 9.24
CA VAL C 27 50.62 11.72 10.50
C VAL C 27 50.64 12.75 11.62
N GLY C 28 51.18 13.94 11.34
CA GLY C 28 51.21 14.97 12.36
C GLY C 28 49.82 15.44 12.76
N ARG C 29 48.93 15.62 11.79
CA ARG C 29 47.57 16.04 12.10
C ARG C 29 46.82 14.95 12.87
N VAL C 30 47.04 13.69 12.52
CA VAL C 30 46.40 12.60 13.26
C VAL C 30 46.92 12.56 14.69
N HIS C 31 48.23 12.79 14.87
CA HIS C 31 48.78 12.89 16.21
C HIS C 31 48.16 14.04 16.99
N ARG C 32 47.99 15.20 16.34
CA ARG C 32 47.34 16.32 16.99
C ARG C 32 45.93 15.96 17.43
N LEU C 33 45.15 15.34 16.54
CA LEU C 33 43.78 14.99 16.86
C LEU C 33 43.72 13.98 18.00
N LEU C 34 44.60 12.98 17.98
CA LEU C 34 44.64 12.00 19.06
C LEU C 34 44.98 12.67 20.40
N ARG C 35 45.96 13.57 20.39
CA ARG C 35 46.35 14.24 21.63
C ARG C 35 45.23 15.13 22.16
N LYS C 36 44.56 15.87 21.28
CA LYS C 36 43.54 16.82 21.69
C LYS C 36 42.16 16.20 21.83
N GLY C 37 41.95 14.97 21.38
CA GLY C 37 40.67 14.32 21.51
C GLY C 37 40.44 13.64 22.84
N ASN C 38 41.37 13.78 23.77
CA ASN C 38 41.31 13.15 25.10
C ASN C 38 40.81 11.72 25.00
N TYR C 39 41.56 10.91 24.23
CA TYR C 39 41.39 9.47 24.19
C TYR C 39 42.26 8.75 25.20
N ALA C 40 43.49 9.22 25.40
CA ALA C 40 44.40 8.64 26.37
C ALA C 40 45.28 9.74 26.94
N GLU C 41 45.89 9.44 28.10
CA GLU C 41 46.79 10.41 28.70
C GLU C 41 48.01 10.67 27.83
N ARG C 42 48.50 9.63 27.15
CA ARG C 42 49.67 9.74 26.29
C ARG C 42 49.43 8.96 25.01
N VAL C 43 50.06 9.42 23.94
CA VAL C 43 49.94 8.80 22.62
C VAL C 43 51.33 8.36 22.17
N GLY C 44 51.46 7.08 21.82
CA GLY C 44 52.73 6.57 21.35
C GLY C 44 53.12 7.14 20.00
N ALA C 45 54.42 7.06 19.71
CA ALA C 45 54.92 7.59 18.45
C ALA C 45 54.39 6.80 17.26
N GLY C 46 54.04 5.54 17.46
CA GLY C 46 53.58 4.70 16.37
C GLY C 46 52.09 4.69 16.14
N ALA C 47 51.31 5.18 17.08
CA ALA C 47 49.87 5.23 16.89
C ALA C 47 49.47 6.11 15.71
N PRO C 48 49.95 7.34 15.60
CA PRO C 48 49.57 8.17 14.45
C PRO C 48 49.93 7.55 13.11
N VAL C 49 51.11 6.93 12.99
CA VAL C 49 51.52 6.35 11.73
C VAL C 49 50.59 5.21 11.35
N TYR C 50 50.32 4.32 12.31
CA TYR C 50 49.42 3.19 12.05
C TYR C 50 48.03 3.67 11.65
N LEU C 51 47.49 4.62 12.41
CA LEU C 51 46.13 5.10 12.13
C LEU C 51 46.06 5.78 10.77
N ALA C 52 47.06 6.59 10.43
CA ALA C 52 47.07 7.26 9.14
C ALA C 52 47.17 6.24 8.00
N ALA C 53 48.01 5.22 8.16
CA ALA C 53 48.11 4.21 7.12
C ALA C 53 46.79 3.47 6.93
N VAL C 54 46.13 3.13 8.03
CA VAL C 54 44.85 2.42 7.92
C VAL C 54 43.81 3.29 7.24
N LEU C 55 43.73 4.58 7.63
CA LEU C 55 42.77 5.48 7.01
C LEU C 55 43.05 5.64 5.52
N GLU C 56 44.33 5.78 5.15
CA GLU C 56 44.68 5.91 3.74
C GLU C 56 44.29 4.66 2.97
N TYR C 57 44.52 3.49 3.54
CA TYR C 57 44.13 2.25 2.85
C TYR C 57 42.62 2.19 2.65
N LEU C 58 41.85 2.51 3.68
CA LEU C 58 40.39 2.48 3.55
C LEU C 58 39.92 3.45 2.48
N THR C 59 40.48 4.66 2.49
CA THR C 59 40.11 5.65 1.48
C THR C 59 40.48 5.16 0.09
N ALA C 60 41.64 4.53 -0.07
CA ALA C 60 42.04 4.02 -1.37
C ALA C 60 41.08 2.96 -1.86
N GLU C 61 40.67 2.04 -0.98
CA GLU C 61 39.71 1.01 -1.37
C GLU C 61 38.40 1.64 -1.84
N ILE C 62 37.85 2.54 -1.02
CA ILE C 62 36.57 3.15 -1.35
C ILE C 62 36.67 3.93 -2.66
N LEU C 63 37.76 4.68 -2.83
CA LEU C 63 37.90 5.51 -4.02
C LEU C 63 38.14 4.68 -5.27
N GLU C 64 38.85 3.56 -5.16
CA GLU C 64 39.02 2.69 -6.32
C GLU C 64 37.67 2.13 -6.76
N LEU C 65 36.87 1.65 -5.79
CA LEU C 65 35.55 1.13 -6.15
C LEU C 65 34.67 2.23 -6.74
N ALA C 66 34.71 3.43 -6.17
CA ALA C 66 33.89 4.52 -6.67
C ALA C 66 34.33 4.96 -8.07
N GLY C 67 35.64 4.95 -8.33
CA GLY C 67 36.11 5.27 -9.66
C GLY C 67 35.68 4.25 -10.70
N ASN C 68 35.74 2.96 -10.33
CA ASN C 68 35.22 1.95 -11.23
C ASN C 68 33.73 2.16 -11.51
N ALA C 69 32.96 2.46 -10.46
CA ALA C 69 31.53 2.71 -10.65
C ALA C 69 31.29 3.92 -11.56
N ALA C 70 32.08 4.98 -11.38
CA ALA C 70 31.94 6.16 -12.23
C ALA C 70 32.29 5.84 -13.68
N ARG C 71 33.36 5.09 -13.90
CA ARG C 71 33.72 4.72 -15.26
C ARG C 71 32.62 3.89 -15.91
N ASP C 72 32.02 2.97 -15.16
CA ASP C 72 30.90 2.21 -15.70
C ASP C 72 29.80 3.14 -16.21
N ASN C 73 29.61 4.27 -15.53
CA ASN C 73 28.56 5.22 -15.87
C ASN C 73 28.95 6.20 -16.98
N LYS C 74 30.17 6.09 -17.50
CA LYS C 74 30.63 6.97 -18.58
C LYS C 74 30.86 8.40 -18.09
N LYS C 75 31.34 8.55 -16.86
CA LYS C 75 31.54 9.85 -16.25
C LYS C 75 32.98 9.99 -15.77
N THR C 76 33.48 11.22 -15.80
CA THR C 76 34.85 11.51 -15.38
C THR C 76 34.94 11.82 -13.89
N ARG C 77 33.98 12.58 -13.35
CA ARG C 77 33.98 12.90 -11.93
C ARG C 77 33.29 11.79 -11.14
N ILE C 78 33.37 11.91 -9.82
CA ILE C 78 32.77 10.95 -8.89
C ILE C 78 31.73 11.68 -8.07
N ILE C 79 30.48 11.25 -8.16
CA ILE C 79 29.39 11.85 -7.39
C ILE C 79 29.02 10.90 -6.26
N PRO C 80 28.22 11.35 -5.28
CA PRO C 80 27.87 10.45 -4.16
C PRO C 80 27.19 9.16 -4.60
N ARG C 81 26.50 9.18 -5.74
CA ARG C 81 25.85 7.96 -6.22
C ARG C 81 26.87 6.87 -6.50
N HIS C 82 28.00 7.22 -7.11
CA HIS C 82 29.04 6.23 -7.37
C HIS C 82 29.60 5.68 -6.07
N LEU C 83 29.78 6.54 -5.06
CA LEU C 83 30.26 6.06 -3.77
C LEU C 83 29.26 5.09 -3.15
N GLN C 84 27.96 5.41 -3.22
CA GLN C 84 26.97 4.49 -2.68
C GLN C 84 26.98 3.16 -3.41
N LEU C 85 27.12 3.19 -4.75
CA LEU C 85 27.19 1.94 -5.50
C LEU C 85 28.38 1.11 -5.07
N ALA C 86 29.55 1.75 -4.97
CA ALA C 86 30.76 1.03 -4.57
C ALA C 86 30.63 0.44 -3.17
N ILE C 87 30.06 1.21 -2.23
CA ILE C 87 29.93 0.71 -0.87
C ILE C 87 28.94 -0.44 -0.80
N ARG C 88 27.78 -0.29 -1.43
CA ARG C 88 26.73 -1.29 -1.34
C ARG C 88 26.99 -2.52 -2.21
N ASN C 89 27.98 -2.47 -3.10
CA ASN C 89 28.32 -3.68 -3.86
C ASN C 89 29.31 -4.55 -3.10
N ASP C 90 30.46 -3.99 -2.74
CA ASP C 90 31.45 -4.73 -1.97
C ASP C 90 30.87 -5.17 -0.63
N GLU C 91 31.06 -6.44 -0.28
CA GLU C 91 30.43 -6.98 0.92
C GLU C 91 31.09 -6.44 2.18
N GLU C 92 32.42 -6.43 2.23
CA GLU C 92 33.11 -5.97 3.43
C GLU C 92 32.85 -4.50 3.69
N LEU C 93 32.90 -3.67 2.65
CA LEU C 93 32.61 -2.24 2.81
C LEU C 93 31.17 -2.03 3.27
N ASN C 94 30.24 -2.80 2.71
CA ASN C 94 28.85 -2.70 3.15
C ASN C 94 28.71 -3.06 4.62
N LYS C 95 29.43 -4.11 5.05
CA LYS C 95 29.40 -4.48 6.47
C LYS C 95 29.96 -3.37 7.34
N LEU C 96 31.06 -2.75 6.92
CA LEU C 96 31.65 -1.67 7.71
C LEU C 96 30.71 -0.48 7.81
N LEU C 97 30.07 -0.11 6.69
CA LEU C 97 29.20 1.05 6.63
C LEU C 97 27.73 0.66 6.54
N GLY C 98 27.36 -0.44 7.22
CA GLY C 98 25.99 -0.90 7.15
C GLY C 98 24.99 0.06 7.76
N LYS C 99 25.38 0.76 8.83
CA LYS C 99 24.50 1.68 9.54
C LYS C 99 24.74 3.12 9.13
N VAL C 100 25.04 3.36 7.87
CA VAL C 100 25.33 4.69 7.36
C VAL C 100 24.42 4.99 6.17
N THR C 101 24.10 6.27 6.00
CA THR C 101 23.34 6.74 4.85
C THR C 101 24.14 7.83 4.15
N ILE C 102 24.37 7.64 2.85
CA ILE C 102 25.10 8.62 2.04
C ILE C 102 24.07 9.58 1.45
N ALA C 103 24.10 10.83 1.92
CA ALA C 103 23.13 11.81 1.46
C ALA C 103 23.25 12.01 -0.06
N GLN C 104 22.11 11.93 -0.75
CA GLN C 104 22.07 12.07 -2.20
C GLN C 104 22.77 10.90 -2.89
N GLY C 105 22.53 9.70 -2.39
CA GLY C 105 23.16 8.51 -2.95
C GLY C 105 22.19 7.53 -3.58
N GLY C 106 20.95 7.52 -3.10
CA GLY C 106 19.96 6.60 -3.64
C GLY C 106 20.05 5.22 -3.04
N VAL C 107 19.56 4.24 -3.78
CA VAL C 107 19.54 2.85 -3.34
C VAL C 107 20.09 1.97 -4.45
N LEU C 108 20.48 0.76 -4.07
CA LEU C 108 20.94 -0.23 -5.03
C LEU C 108 19.74 -0.85 -5.74
N PRO C 109 19.71 -0.86 -7.07
CA PRO C 109 18.56 -1.43 -7.78
C PRO C 109 18.37 -2.90 -7.45
N ASN C 110 17.16 -3.24 -6.99
CA ASN C 110 16.78 -4.62 -6.78
C ASN C 110 15.26 -4.72 -6.75
N ILE C 111 14.75 -5.77 -7.40
CA ILE C 111 13.32 -6.07 -7.41
C ILE C 111 13.16 -7.54 -7.03
N GLN C 112 12.26 -7.81 -6.10
CA GLN C 112 12.00 -9.19 -5.70
C GLN C 112 11.57 -10.00 -6.92
N ALA C 113 12.14 -11.21 -7.05
CA ALA C 113 11.90 -12.02 -8.24
C ALA C 113 10.41 -12.30 -8.45
N VAL C 114 9.62 -12.27 -7.38
CA VAL C 114 8.20 -12.56 -7.51
C VAL C 114 7.44 -11.35 -8.07
N LEU C 115 7.95 -10.13 -7.83
CA LEU C 115 7.26 -8.94 -8.33
C LEU C 115 7.39 -8.79 -9.84
N LEU C 116 8.32 -9.50 -10.47
CA LEU C 116 8.48 -9.40 -11.91
C LEU C 116 7.23 -9.94 -12.61
N PRO C 117 6.90 -9.39 -13.78
CA PRO C 117 5.67 -9.80 -14.46
C PRO C 117 5.65 -11.30 -14.73
N LYS C 118 4.55 -11.94 -14.40
CA LYS C 118 4.40 -13.38 -14.60
C LYS C 118 4.42 -13.73 -16.08
N ARG D 31 36.76 33.56 7.40
CA ARG D 31 37.74 34.02 8.36
C ARG D 31 38.53 32.86 8.96
N SER D 32 38.06 32.36 10.10
CA SER D 32 38.75 31.28 10.78
C SER D 32 38.81 30.04 9.88
N ARG D 33 39.94 29.33 9.93
CA ARG D 33 40.18 28.21 9.06
C ARG D 33 39.36 26.99 9.47
N LYS D 34 39.16 26.09 8.51
CA LYS D 34 38.47 24.82 8.75
C LYS D 34 39.25 23.73 8.04
N GLU D 35 39.86 22.83 8.81
CA GLU D 35 40.66 21.75 8.25
C GLU D 35 39.76 20.64 7.70
N SER D 36 40.29 19.93 6.70
CA SER D 36 39.57 18.81 6.10
C SER D 36 40.58 17.89 5.44
N TYR D 37 40.13 16.67 5.16
CA TYR D 37 40.95 15.64 4.55
C TYR D 37 40.89 15.67 3.02
N SER D 38 40.33 16.72 2.44
CA SER D 38 40.20 16.79 0.99
C SER D 38 41.57 16.82 0.32
N VAL D 39 42.53 17.55 0.92
CA VAL D 39 43.85 17.68 0.32
C VAL D 39 44.48 16.30 0.12
N TYR D 40 44.34 15.43 1.10
CA TYR D 40 44.91 14.09 1.04
C TYR D 40 44.01 13.11 0.32
N VAL D 41 42.69 13.30 0.41
CA VAL D 41 41.76 12.45 -0.32
C VAL D 41 41.99 12.58 -1.82
N TYR D 42 42.22 13.80 -2.30
CA TYR D 42 42.47 13.98 -3.73
C TYR D 42 43.79 13.34 -4.14
N LYS D 43 44.81 13.41 -3.29
CA LYS D 43 46.08 12.75 -3.60
C LYS D 43 45.90 11.24 -3.68
N VAL D 44 45.14 10.66 -2.75
CA VAL D 44 44.85 9.24 -2.80
C VAL D 44 44.10 8.89 -4.09
N LEU D 45 43.13 9.72 -4.46
CA LEU D 45 42.38 9.49 -5.68
C LEU D 45 43.29 9.53 -6.90
N LYS D 46 44.18 10.51 -6.96
CA LYS D 46 45.13 10.59 -8.06
C LYS D 46 46.04 9.37 -8.10
N GLN D 47 46.36 8.82 -6.92
CA GLN D 47 47.11 7.57 -6.89
C GLN D 47 46.30 6.42 -7.49
N VAL D 48 45.04 6.30 -7.10
CA VAL D 48 44.22 5.19 -7.58
C VAL D 48 43.85 5.37 -9.04
N HIS D 49 43.12 6.44 -9.34
CA HIS D 49 42.71 6.76 -10.70
C HIS D 49 43.39 8.03 -11.15
N PRO D 50 44.41 7.97 -12.01
CA PRO D 50 45.16 9.17 -12.37
C PRO D 50 44.46 10.09 -13.35
N ASP D 51 43.23 9.76 -13.78
CA ASP D 51 42.52 10.62 -14.72
C ASP D 51 41.06 10.83 -14.32
N THR D 52 40.73 10.72 -13.03
CA THR D 52 39.38 10.89 -12.55
C THR D 52 39.34 11.95 -11.46
N GLY D 53 38.24 12.70 -11.41
CA GLY D 53 38.05 13.75 -10.45
C GLY D 53 37.08 13.35 -9.34
N ILE D 54 36.60 14.36 -8.63
CA ILE D 54 35.64 14.15 -7.55
C ILE D 54 34.83 15.42 -7.38
N SER D 55 33.54 15.27 -7.12
CA SER D 55 32.68 16.42 -6.90
C SER D 55 32.84 16.94 -5.47
N SER D 56 32.20 18.07 -5.20
CA SER D 56 32.29 18.66 -3.87
C SER D 56 31.45 17.89 -2.87
N LYS D 57 30.26 17.45 -3.27
CA LYS D 57 29.42 16.65 -2.39
C LYS D 57 30.07 15.30 -2.08
N ALA D 58 30.63 14.65 -3.10
CA ALA D 58 31.35 13.40 -2.88
C ALA D 58 32.56 13.62 -1.99
N MET D 59 33.25 14.76 -2.16
CA MET D 59 34.38 15.06 -1.30
C MET D 59 33.95 15.24 0.15
N GLY D 60 32.82 15.91 0.38
CA GLY D 60 32.30 16.02 1.73
C GLY D 60 31.93 14.66 2.32
N ILE D 61 31.33 13.79 1.49
CA ILE D 61 31.02 12.44 1.95
C ILE D 61 32.28 11.71 2.36
N MET D 62 33.34 11.81 1.55
CA MET D 62 34.60 11.13 1.88
C MET D 62 35.22 11.71 3.14
N ASN D 63 35.17 13.03 3.31
CA ASN D 63 35.69 13.64 4.53
C ASN D 63 34.92 13.14 5.75
N SER D 64 33.60 13.06 5.65
CA SER D 64 32.80 12.53 6.76
C SER D 64 33.15 11.08 7.04
N PHE D 65 33.35 10.28 6.01
CA PHE D 65 33.74 8.89 6.20
C PHE D 65 35.07 8.76 6.93
N VAL D 66 36.05 9.57 6.52
CA VAL D 66 37.35 9.53 7.18
C VAL D 66 37.22 9.92 8.64
N ASN D 67 36.47 10.99 8.91
CA ASN D 67 36.28 11.41 10.30
C ASN D 67 35.60 10.33 11.13
N ASP D 68 34.58 9.69 10.56
CA ASP D 68 33.83 8.67 11.30
C ASP D 68 34.70 7.47 11.61
N ILE D 69 35.48 7.00 10.63
CA ILE D 69 36.35 5.85 10.86
C ILE D 69 37.44 6.21 11.88
N PHE D 70 37.99 7.42 11.79
CA PHE D 70 38.95 7.87 12.78
C PHE D 70 38.36 7.82 14.18
N GLU D 71 37.15 8.36 14.34
CA GLU D 71 36.50 8.35 15.65
C GLU D 71 36.31 6.92 16.15
N ARG D 72 35.82 6.03 15.28
CA ARG D 72 35.58 4.66 15.71
C ARG D 72 36.86 3.99 16.20
N ILE D 73 37.92 4.05 15.38
CA ILE D 73 39.16 3.39 15.74
C ILE D 73 39.76 4.01 17.00
N ALA D 74 39.76 5.34 17.08
CA ALA D 74 40.35 5.99 18.24
C ALA D 74 39.60 5.65 19.52
N GLY D 75 38.26 5.63 19.45
CA GLY D 75 37.49 5.28 20.63
C GLY D 75 37.72 3.84 21.07
N GLU D 76 37.77 2.91 20.11
CA GLU D 76 38.03 1.53 20.47
C GLU D 76 39.43 1.37 21.09
N ALA D 77 40.42 2.08 20.54
CA ALA D 77 41.76 2.02 21.11
C ALA D 77 41.79 2.61 22.52
N SER D 78 41.07 3.70 22.73
CA SER D 78 41.01 4.29 24.07
C SER D 78 40.38 3.32 25.06
N ARG D 79 39.29 2.66 24.66
CA ARG D 79 38.68 1.66 25.53
C ARG D 79 39.64 0.51 25.81
N LEU D 80 40.38 0.07 24.79
CA LEU D 80 41.36 -0.98 24.99
C LEU D 80 42.41 -0.57 26.01
N ALA D 81 42.91 0.65 25.90
CA ALA D 81 43.92 1.12 26.84
C ALA D 81 43.35 1.27 28.25
N HIS D 82 42.08 1.67 28.36
CA HIS D 82 41.48 1.82 29.68
C HIS D 82 41.24 0.46 30.32
N TYR D 83 40.89 -0.55 29.52
CA TYR D 83 40.65 -1.89 30.08
C TYR D 83 41.89 -2.43 30.77
N ASN D 84 43.06 -2.26 30.15
CA ASN D 84 44.29 -2.87 30.62
C ASN D 84 45.11 -1.94 31.52
N LYS D 85 44.50 -0.89 32.05
CA LYS D 85 45.17 0.04 32.96
C LYS D 85 46.42 0.64 32.35
N ARG D 86 46.36 0.96 31.06
CA ARG D 86 47.42 1.67 30.37
C ARG D 86 47.01 3.13 30.18
N SER D 87 48.01 4.00 30.09
CA SER D 87 47.78 5.43 29.91
C SER D 87 48.25 5.94 28.56
N THR D 88 48.76 5.07 27.69
CA THR D 88 49.22 5.47 26.38
C THR D 88 48.59 4.59 25.31
N ILE D 89 48.29 5.18 24.17
CA ILE D 89 47.78 4.45 23.00
C ILE D 89 48.95 4.20 22.07
N THR D 90 49.33 2.93 21.89
CA THR D 90 50.44 2.55 21.06
C THR D 90 49.95 1.93 19.76
N SER D 91 50.90 1.48 18.95
CA SER D 91 50.53 0.83 17.69
C SER D 91 49.77 -0.46 17.95
N ARG D 92 50.04 -1.14 19.06
CA ARG D 92 49.31 -2.36 19.38
C ARG D 92 47.83 -2.09 19.64
N GLU D 93 47.53 -1.01 20.37
CA GLU D 93 46.14 -0.66 20.62
C GLU D 93 45.41 -0.35 19.32
N ILE D 94 46.06 0.39 18.42
CA ILE D 94 45.45 0.71 17.13
C ILE D 94 45.23 -0.56 16.32
N GLN D 95 46.21 -1.46 16.35
CA GLN D 95 46.08 -2.71 15.57
C GLN D 95 44.94 -3.56 16.11
N THR D 96 44.80 -3.65 17.43
CA THR D 96 43.70 -4.44 17.99
C THR D 96 42.36 -3.78 17.73
N ALA D 97 42.31 -2.45 17.76
CA ALA D 97 41.08 -1.76 17.41
C ALA D 97 40.70 -2.02 15.95
N VAL D 98 41.68 -2.03 15.06
CA VAL D 98 41.42 -2.34 13.67
C VAL D 98 40.94 -3.78 13.52
N ARG D 99 41.52 -4.70 14.28
CA ARG D 99 41.07 -6.09 14.26
C ARG D 99 39.61 -6.19 14.71
N LEU D 100 39.24 -5.40 15.72
CA LEU D 100 37.88 -5.47 16.25
C LEU D 100 36.86 -4.80 15.34
N LEU D 101 37.22 -3.65 14.73
CA LEU D 101 36.23 -2.85 13.95
C LEU D 101 36.10 -3.31 12.50
N LEU D 102 37.20 -3.34 11.75
CA LEU D 102 37.12 -3.63 10.30
C LEU D 102 36.64 -5.08 10.10
N PRO D 103 35.85 -5.38 9.05
CA PRO D 103 35.26 -6.72 8.85
C PRO D 103 36.11 -7.62 7.99
N GLY D 104 36.61 -8.72 8.55
CA GLY D 104 37.30 -9.75 7.76
C GLY D 104 38.48 -9.32 6.95
N GLU D 105 38.46 -9.59 5.65
CA GLU D 105 39.63 -9.37 4.80
C GLU D 105 40.14 -7.94 4.92
N LEU D 106 39.24 -6.98 4.99
CA LEU D 106 39.65 -5.58 5.15
C LEU D 106 40.53 -5.41 6.39
N ALA D 107 40.18 -6.10 7.47
CA ALA D 107 40.98 -6.00 8.69
C ALA D 107 42.40 -6.49 8.46
N LYS D 108 42.54 -7.65 7.80
CA LYS D 108 43.88 -8.18 7.54
C LYS D 108 44.69 -7.24 6.66
N HIS D 109 44.08 -6.71 5.60
CA HIS D 109 44.81 -5.82 4.71
C HIS D 109 45.22 -4.53 5.42
N ALA D 110 44.30 -3.96 6.21
CA ALA D 110 44.62 -2.73 6.93
C ALA D 110 45.72 -2.96 7.96
N VAL D 111 45.67 -4.09 8.67
CA VAL D 111 46.71 -4.39 9.64
C VAL D 111 48.06 -4.55 8.96
N SER D 112 48.09 -5.24 7.81
CA SER D 112 49.33 -5.40 7.08
C SER D 112 49.89 -4.06 6.66
N GLU D 113 49.04 -3.21 6.08
CA GLU D 113 49.47 -1.87 5.63
C GLU D 113 50.05 -1.12 6.83
N GLY D 114 49.30 -1.07 7.94
CA GLY D 114 49.75 -0.32 9.11
C GLY D 114 51.08 -0.82 9.65
N THR D 115 51.25 -2.14 9.69
CA THR D 115 52.53 -2.69 10.14
C THR D 115 53.66 -2.26 9.22
N LYS D 116 53.43 -2.33 7.91
CA LYS D 116 54.47 -1.89 6.97
C LYS D 116 54.78 -0.42 7.14
N ALA D 117 53.75 0.41 7.35
CA ALA D 117 53.98 1.84 7.52
C ALA D 117 54.79 2.12 8.76
N VAL D 118 54.46 1.46 9.87
CA VAL D 118 55.19 1.69 11.11
C VAL D 118 56.63 1.21 11.00
N THR D 119 56.84 0.08 10.32
CA THR D 119 58.20 -0.40 10.12
C THR D 119 59.01 0.61 9.30
N LYS D 120 58.43 1.11 8.22
CA LYS D 120 59.11 2.10 7.40
C LYS D 120 59.40 3.37 8.20
N TYR D 121 58.47 3.78 9.04
CA TYR D 121 58.66 4.99 9.83
C TYR D 121 59.79 4.82 10.84
N THR D 122 59.76 3.73 11.61
CA THR D 122 60.77 3.54 12.64
C THR D 122 62.15 3.30 12.03
N SER D 123 62.21 2.54 10.94
CA SER D 123 63.51 2.26 10.27
C SER D 123 64.18 3.58 9.86
N SER D 124 63.41 4.50 9.27
CA SER D 124 63.92 5.78 8.83
C SER D 124 63.70 6.86 9.89
N ALA E 15 -19.66 -35.26 -22.06
CA ALA E 15 -20.00 -35.31 -23.47
C ALA E 15 -21.00 -34.21 -23.85
N PRO E 16 -22.13 -34.13 -23.13
CA PRO E 16 -23.12 -33.10 -23.43
C PRO E 16 -22.64 -31.72 -23.07
N ARG E 17 -22.28 -30.92 -24.08
CA ARG E 17 -21.77 -29.57 -23.83
C ARG E 17 -22.82 -28.71 -23.16
N LYS E 18 -23.94 -28.47 -23.83
CA LYS E 18 -24.97 -27.57 -23.25
C LYS E 18 -24.29 -26.45 -22.44
N GLN E 19 -23.43 -25.63 -23.06
CA GLN E 19 -22.80 -24.48 -22.37
C GLN E 19 -22.63 -23.35 -23.39
N LEU E 20 -23.44 -23.36 -24.45
CA LEU E 20 -23.37 -22.28 -25.49
C LEU E 20 -23.74 -20.93 -24.84
N ALA E 21 -23.12 -19.83 -25.29
CA ALA E 21 -23.32 -18.53 -24.60
C ALA E 21 -23.21 -17.38 -25.60
N THR E 22 -23.58 -16.16 -25.16
CA THR E 22 -23.48 -14.94 -26.01
C THR E 22 -23.64 -13.71 -25.15
N LYS E 23 -23.65 -12.52 -25.75
CA LYS E 23 -23.87 -11.27 -25.05
C LYS E 23 -25.33 -11.14 -24.65
N ALA E 24 -25.59 -10.35 -23.61
CA ALA E 24 -26.94 -10.15 -23.11
C ALA E 24 -27.56 -8.90 -23.75
N ALA E 25 -28.82 -9.04 -24.15
CA ALA E 25 -29.50 -7.94 -24.82
C ALA E 25 -29.80 -6.80 -23.85
N ARG E 26 -30.08 -5.63 -24.42
CA ARG E 26 -30.38 -4.43 -23.65
C ARG E 26 -30.90 -3.37 -24.61
N CYS E 27 -31.56 -2.36 -24.05
CA CYS E 27 -32.13 -1.27 -24.82
C CYS E 27 -31.69 0.04 -24.16
N SER E 28 -31.08 0.92 -24.95
CA SER E 28 -30.53 2.15 -24.40
C SER E 28 -30.62 3.26 -25.45
N ALA E 29 -30.76 4.49 -24.96
CA ALA E 29 -30.74 5.64 -25.85
C ALA E 29 -29.38 5.71 -26.54
N PRO E 30 -29.34 6.02 -27.83
CA PRO E 30 -28.06 5.99 -28.55
C PRO E 30 -27.04 6.92 -27.92
N ALA E 31 -25.79 6.45 -27.87
CA ALA E 31 -24.65 7.24 -27.40
C ALA E 31 -23.72 7.40 -28.59
N THR E 32 -23.98 8.43 -29.39
CA THR E 32 -23.22 8.66 -30.61
C THR E 32 -21.84 9.23 -30.27
N GLY E 33 -20.95 9.20 -31.27
CA GLY E 33 -19.59 9.66 -31.06
C GLY E 33 -18.66 8.56 -30.60
N GLY E 34 -18.97 7.97 -29.45
CA GLY E 34 -18.15 6.89 -28.93
C GLY E 34 -16.74 7.32 -28.59
N VAL E 35 -16.57 8.47 -27.95
CA VAL E 35 -15.25 8.97 -27.58
C VAL E 35 -14.69 8.11 -26.45
N LYS E 36 -13.57 7.44 -26.71
CA LYS E 36 -12.98 6.53 -25.74
C LYS E 36 -11.48 6.45 -25.96
N LYS E 37 -10.76 6.01 -24.92
CA LYS E 37 -9.32 5.83 -24.98
C LYS E 37 -9.00 4.34 -24.88
N PRO E 38 -8.58 3.70 -25.97
CA PRO E 38 -8.43 2.25 -25.96
C PRO E 38 -7.13 1.75 -25.35
N HIS E 39 -6.03 2.47 -25.56
CA HIS E 39 -4.73 1.97 -25.14
C HIS E 39 -4.57 2.07 -23.63
N ARG E 40 -4.14 0.98 -23.02
CA ARG E 40 -3.91 0.93 -21.58
C ARG E 40 -2.86 -0.13 -21.27
N TYR E 41 -1.99 0.18 -20.32
CA TYR E 41 -1.05 -0.81 -19.80
C TYR E 41 -1.74 -1.66 -18.74
N ARG E 42 -1.37 -2.94 -18.70
CA ARG E 42 -1.95 -3.84 -17.73
C ARG E 42 -1.58 -3.39 -16.32
N PRO E 43 -2.46 -3.61 -15.34
CA PRO E 43 -2.18 -3.14 -13.98
C PRO E 43 -0.95 -3.80 -13.39
N GLY E 44 0.10 -3.00 -13.19
CA GLY E 44 1.33 -3.51 -12.62
C GLY E 44 2.57 -3.14 -13.40
N THR E 45 2.46 -3.10 -14.74
CA THR E 45 3.63 -2.82 -15.56
C THR E 45 4.16 -1.41 -15.31
N VAL E 46 3.25 -0.42 -15.23
CA VAL E 46 3.70 0.94 -14.96
C VAL E 46 4.26 1.05 -13.54
N ALA E 47 3.76 0.24 -12.62
CA ALA E 47 4.34 0.22 -11.28
C ALA E 47 5.78 -0.26 -11.32
N LEU E 48 6.06 -1.31 -12.10
CA LEU E 48 7.43 -1.78 -12.27
C LEU E 48 8.28 -0.71 -12.95
N ARG E 49 7.70 0.01 -13.91
CA ARG E 49 8.43 1.10 -14.57
C ARG E 49 8.81 2.17 -13.56
N GLU E 50 7.88 2.53 -12.67
CA GLU E 50 8.19 3.51 -11.63
C GLU E 50 9.26 2.99 -10.69
N ILE E 51 9.18 1.71 -10.32
CA ILE E 51 10.20 1.12 -9.46
C ILE E 51 11.58 1.27 -10.09
N ARG E 52 11.68 0.89 -11.37
CA ARG E 52 12.97 1.00 -12.06
C ARG E 52 13.43 2.45 -12.16
N ARG E 53 12.51 3.36 -12.46
CA ARG E 53 12.90 4.75 -12.65
C ARG E 53 13.42 5.36 -11.35
N TYR E 54 12.77 5.05 -10.23
CA TYR E 54 13.19 5.61 -8.95
C TYR E 54 14.32 4.83 -8.29
N GLN E 55 14.63 3.64 -8.77
CA GLN E 55 15.76 2.88 -8.25
C GLN E 55 17.05 3.16 -8.99
N LYS E 56 17.04 4.07 -9.97
CA LYS E 56 18.26 4.49 -10.65
C LYS E 56 18.48 5.99 -10.54
N SER E 57 17.71 6.68 -9.71
CA SER E 57 17.84 8.11 -9.51
C SER E 57 18.28 8.37 -8.07
N THR E 58 18.58 9.63 -7.78
CA THR E 58 19.03 10.04 -6.45
C THR E 58 18.29 11.27 -5.93
N GLU E 59 17.47 11.91 -6.76
CA GLU E 59 16.75 13.10 -6.33
C GLU E 59 15.73 12.76 -5.25
N LEU E 60 15.45 13.72 -4.38
CA LEU E 60 14.48 13.52 -3.32
C LEU E 60 13.07 13.38 -3.89
N LEU E 61 12.25 12.56 -3.23
CA LEU E 61 10.90 12.25 -3.71
C LEU E 61 9.82 13.03 -2.98
N ILE E 62 10.17 13.94 -2.07
CA ILE E 62 9.21 14.72 -1.32
C ILE E 62 9.40 16.20 -1.64
N ARG E 63 8.29 16.93 -1.64
CA ARG E 63 8.36 18.37 -1.90
C ARG E 63 9.07 19.07 -0.75
N LYS E 64 9.94 20.02 -1.08
CA LYS E 64 10.78 20.65 -0.08
C LYS E 64 9.96 21.58 0.82
N LEU E 65 9.10 22.41 0.23
CA LEU E 65 8.32 23.35 1.04
C LEU E 65 7.41 22.65 2.03
N PRO E 66 6.62 21.64 1.63
CA PRO E 66 5.81 20.94 2.64
C PRO E 66 6.63 20.31 3.74
N PHE E 67 7.79 19.75 3.40
CA PHE E 67 8.64 19.15 4.43
C PHE E 67 9.17 20.20 5.39
N GLN E 68 9.57 21.37 4.87
CA GLN E 68 10.02 22.44 5.76
C GLN E 68 8.90 22.91 6.68
N ARG E 69 7.69 23.04 6.14
CA ARG E 69 6.56 23.44 6.97
C ARG E 69 6.30 22.42 8.08
N LEU E 70 6.34 21.12 7.72
CA LEU E 70 6.13 20.09 8.73
C LEU E 70 7.23 20.11 9.78
N VAL E 71 8.48 20.29 9.36
CA VAL E 71 9.59 20.33 10.30
C VAL E 71 9.42 21.48 11.28
N ARG E 72 9.06 22.66 10.77
CA ARG E 72 8.87 23.80 11.66
C ARG E 72 7.69 23.59 12.60
N GLU E 73 6.59 23.01 12.09
CA GLU E 73 5.45 22.73 12.96
C GLU E 73 5.83 21.78 14.08
N ILE E 74 6.61 20.74 13.76
CA ILE E 74 7.05 19.82 14.81
C ILE E 74 7.97 20.52 15.80
N ALA E 75 8.96 21.26 15.30
CA ALA E 75 9.91 21.92 16.17
C ALA E 75 9.27 22.99 17.04
N GLN E 76 8.10 23.50 16.65
CA GLN E 76 7.42 24.50 17.46
C GLN E 76 7.10 23.99 18.86
N ASP E 77 7.04 22.68 19.05
CA ASP E 77 6.71 22.09 20.34
C ASP E 77 7.93 21.89 21.24
N PHE E 78 9.12 22.23 20.77
CA PHE E 78 10.34 22.11 21.56
C PHE E 78 10.92 23.46 21.97
N LYS E 79 11.12 24.35 21.00
CA LYS E 79 11.62 25.69 21.28
C LYS E 79 11.00 26.66 20.29
N THR E 80 10.62 27.84 20.79
CA THR E 80 9.98 28.85 19.96
C THR E 80 11.02 29.74 19.28
N ASP E 81 10.60 30.35 18.17
CA ASP E 81 11.48 31.23 17.40
C ASP E 81 12.74 30.49 16.97
N LEU E 82 12.59 29.24 16.57
CA LEU E 82 13.71 28.40 16.17
C LEU E 82 13.91 28.53 14.67
N ARG E 83 14.98 29.23 14.28
CA ARG E 83 15.35 29.32 12.87
C ARG E 83 16.14 28.10 12.45
N PHE E 84 16.07 27.78 11.16
CA PHE E 84 16.67 26.56 10.63
C PHE E 84 17.63 26.91 9.50
N GLN E 85 18.86 26.43 9.59
CA GLN E 85 19.77 26.51 8.45
C GLN E 85 19.23 25.65 7.31
N SER E 86 19.43 26.11 6.08
CA SER E 86 18.91 25.38 4.93
C SER E 86 19.50 23.98 4.86
N SER E 87 20.80 23.85 5.10
CA SER E 87 21.42 22.53 5.11
C SER E 87 20.85 21.66 6.21
N ALA E 88 20.39 22.27 7.32
CA ALA E 88 19.77 21.48 8.38
C ALA E 88 18.50 20.80 7.88
N VAL E 89 17.62 21.55 7.22
CA VAL E 89 16.38 20.96 6.71
C VAL E 89 16.69 19.96 5.60
N MET E 90 17.69 20.25 4.77
CA MET E 90 18.07 19.31 3.72
C MET E 90 18.55 17.99 4.31
N ALA E 91 19.37 18.04 5.35
CA ALA E 91 19.83 16.84 6.02
C ALA E 91 18.68 16.08 6.67
N LEU E 92 17.75 16.82 7.30
CA LEU E 92 16.59 16.16 7.88
C LEU E 92 15.77 15.44 6.83
N GLN E 93 15.57 16.08 5.66
CA GLN E 93 14.83 15.45 4.58
C GLN E 93 15.54 14.21 4.07
N GLU E 94 16.86 14.28 3.89
CA GLU E 94 17.61 13.13 3.43
C GLU E 94 17.48 11.97 4.41
N ALA E 95 17.65 12.24 5.70
CA ALA E 95 17.55 11.19 6.71
C ALA E 95 16.15 10.58 6.71
N SER E 96 15.12 11.42 6.67
CA SER E 96 13.75 10.91 6.73
C SER E 96 13.45 10.04 5.52
N GLU E 97 13.85 10.48 4.33
CA GLU E 97 13.52 9.72 3.13
C GLU E 97 14.30 8.41 3.07
N ALA E 98 15.56 8.42 3.51
CA ALA E 98 16.32 7.16 3.56
C ALA E 98 15.69 6.19 4.55
N TYR E 99 15.28 6.70 5.72
CA TYR E 99 14.62 5.86 6.70
C TYR E 99 13.34 5.25 6.13
N LEU E 100 12.54 6.07 5.45
CA LEU E 100 11.29 5.57 4.90
C LEU E 100 11.53 4.54 3.80
N VAL E 101 12.57 4.75 2.98
CA VAL E 101 12.86 3.79 1.93
C VAL E 101 13.26 2.45 2.53
N GLY E 102 14.11 2.46 3.56
CA GLY E 102 14.47 1.21 4.21
C GLY E 102 13.27 0.53 4.86
N LEU E 103 12.43 1.31 5.54
CA LEU E 103 11.23 0.76 6.15
C LEU E 103 10.33 0.12 5.11
N PHE E 104 10.21 0.75 3.94
CA PHE E 104 9.39 0.20 2.87
C PHE E 104 9.99 -1.08 2.30
N GLU E 105 11.32 -1.15 2.20
CA GLU E 105 11.95 -2.39 1.77
C GLU E 105 11.61 -3.53 2.74
N ASP E 106 11.71 -3.27 4.04
CA ASP E 106 11.38 -4.32 5.00
C ASP E 106 9.89 -4.66 4.97
N THR E 107 9.02 -3.66 4.78
CA THR E 107 7.59 -3.93 4.69
C THR E 107 7.27 -4.79 3.47
N ASN E 108 7.92 -4.51 2.33
CA ASN E 108 7.73 -5.32 1.15
C ASN E 108 8.22 -6.75 1.38
N LEU E 109 9.33 -6.90 2.09
CA LEU E 109 9.79 -8.25 2.43
C LEU E 109 8.75 -8.99 3.27
N ALA E 110 8.16 -8.31 4.25
CA ALA E 110 7.13 -8.94 5.06
C ALA E 110 5.92 -9.33 4.21
N ALA E 111 5.51 -8.44 3.31
CA ALA E 111 4.36 -8.72 2.46
C ALA E 111 4.62 -9.94 1.58
N ILE E 112 5.80 -10.01 0.97
CA ILE E 112 6.15 -11.18 0.16
C ILE E 112 6.20 -12.42 1.04
N HIS E 113 6.64 -12.29 2.28
CA HIS E 113 6.62 -13.42 3.20
C HIS E 113 5.21 -13.94 3.41
N ALA E 114 4.24 -13.03 3.55
CA ALA E 114 2.85 -13.42 3.77
C ALA E 114 2.15 -13.91 2.50
N LYS E 115 2.90 -14.18 1.44
CA LYS E 115 2.37 -14.67 0.17
C LYS E 115 1.53 -13.64 -0.56
N ARG E 116 1.65 -12.36 -0.20
CA ARG E 116 0.92 -11.30 -0.87
C ARG E 116 1.87 -10.44 -1.69
N VAL E 117 1.28 -9.52 -2.45
CA VAL E 117 2.04 -8.51 -3.16
C VAL E 117 1.73 -7.11 -2.65
N THR E 118 0.55 -6.88 -2.10
CA THR E 118 0.16 -5.57 -1.59
C THR E 118 0.71 -5.39 -0.17
N ILE E 119 1.47 -4.32 0.04
CA ILE E 119 1.94 -4.00 1.38
C ILE E 119 0.81 -3.31 2.15
N MET E 120 0.52 -3.82 3.33
CA MET E 120 -0.54 -3.32 4.18
C MET E 120 0.03 -2.72 5.45
N PRO E 121 -0.79 -2.02 6.23
CA PRO E 121 -0.29 -1.46 7.49
C PRO E 121 0.27 -2.51 8.43
N LYS E 122 -0.27 -3.72 8.40
CA LYS E 122 0.24 -4.79 9.25
C LYS E 122 1.70 -5.12 8.90
N ASP E 123 2.05 -5.05 7.61
CA ASP E 123 3.43 -5.28 7.22
C ASP E 123 4.36 -4.24 7.84
N ILE E 124 3.96 -2.97 7.79
CA ILE E 124 4.77 -1.91 8.39
C ILE E 124 4.89 -2.11 9.89
N GLN E 125 3.78 -2.46 10.54
CA GLN E 125 3.82 -2.67 11.99
C GLN E 125 4.75 -3.82 12.35
N LEU E 126 4.69 -4.93 11.59
CA LEU E 126 5.59 -6.05 11.86
C LEU E 126 7.04 -5.68 11.64
N ALA E 127 7.33 -4.96 10.55
CA ALA E 127 8.69 -4.56 10.26
C ALA E 127 9.23 -3.63 11.34
N ARG E 128 8.37 -2.80 11.91
CA ARG E 128 8.80 -1.91 12.99
C ARG E 128 8.98 -2.68 14.30
N ARG E 129 8.08 -3.62 14.60
CA ARG E 129 8.21 -4.40 15.83
C ARG E 129 9.48 -5.23 15.82
N ILE E 130 9.76 -5.90 14.70
CA ILE E 130 10.95 -6.74 14.63
C ILE E 130 12.21 -5.91 14.74
N ARG E 131 12.21 -4.72 14.15
CA ARG E 131 13.36 -3.83 14.22
C ARG E 131 13.53 -3.20 15.59
N GLY E 132 12.58 -3.38 16.49
CA GLY E 132 12.67 -2.83 17.83
C GLY E 132 12.20 -1.40 17.98
N GLU E 133 11.58 -0.82 16.97
CA GLU E 133 11.08 0.55 17.03
C GLU E 133 9.63 0.60 17.49
N ARG E 134 9.34 -0.05 18.63
CA ARG E 134 7.98 -0.10 19.16
C ARG E 134 6.95 -0.45 18.08
N ASN F 25 -0.37 19.91 9.12
CA ASN F 25 0.72 20.19 8.19
C ASN F 25 1.39 18.90 7.71
N ILE F 26 1.04 17.79 8.35
CA ILE F 26 1.59 16.50 7.94
C ILE F 26 1.04 16.07 6.59
N GLN F 27 -0.05 16.67 6.13
CA GLN F 27 -0.59 16.33 4.82
C GLN F 27 0.28 16.81 3.67
N GLY F 28 1.31 17.62 3.95
CA GLY F 28 2.22 18.02 2.91
C GLY F 28 2.91 16.83 2.27
N ILE F 29 3.23 15.81 3.07
CA ILE F 29 3.73 14.54 2.56
C ILE F 29 2.54 13.82 1.92
N THR F 30 2.44 13.91 0.60
CA THR F 30 1.23 13.53 -0.11
C THR F 30 1.29 12.07 -0.57
N LYS F 31 0.14 11.60 -1.04
CA LYS F 31 0.05 10.24 -1.62
C LYS F 31 1.05 10.00 -2.74
N PRO F 32 1.20 10.90 -3.72
CA PRO F 32 2.23 10.66 -4.75
C PRO F 32 3.64 10.58 -4.20
N ALA F 33 3.97 11.40 -3.19
CA ALA F 33 5.31 11.35 -2.62
C ALA F 33 5.55 10.02 -1.91
N ILE F 34 4.56 9.55 -1.15
CA ILE F 34 4.69 8.25 -0.49
C ILE F 34 4.78 7.14 -1.54
N ARG F 35 4.05 7.27 -2.64
CA ARG F 35 4.16 6.30 -3.72
C ARG F 35 5.57 6.28 -4.30
N ARG F 36 6.16 7.46 -4.50
CA ARG F 36 7.53 7.51 -5.01
C ARG F 36 8.50 6.87 -4.03
N LEU F 37 8.33 7.15 -2.73
CA LEU F 37 9.20 6.54 -1.73
C LEU F 37 9.08 5.02 -1.75
N ALA F 38 7.85 4.52 -1.81
CA ALA F 38 7.65 3.07 -1.85
C ALA F 38 8.23 2.47 -3.12
N ARG F 39 8.08 3.15 -4.26
CA ARG F 39 8.66 2.66 -5.50
C ARG F 39 10.17 2.57 -5.40
N ARG F 40 10.81 3.59 -4.83
CA ARG F 40 12.25 3.51 -4.60
C ARG F 40 12.58 2.38 -3.63
N GLY F 41 11.66 2.07 -2.72
CA GLY F 41 11.83 0.97 -1.79
C GLY F 41 11.49 -0.40 -2.34
N GLY F 42 11.10 -0.48 -3.61
CA GLY F 42 10.85 -1.75 -4.25
C GLY F 42 9.42 -2.26 -4.14
N VAL F 43 8.49 -1.45 -3.68
CA VAL F 43 7.11 -1.87 -3.53
C VAL F 43 6.38 -1.71 -4.86
N LYS F 44 5.54 -2.69 -5.19
CA LYS F 44 4.79 -2.71 -6.44
C LYS F 44 3.32 -2.33 -6.26
N ARG F 45 2.62 -2.98 -5.32
CA ARG F 45 1.23 -2.68 -5.04
C ARG F 45 1.13 -2.13 -3.62
N ILE F 46 0.41 -1.01 -3.47
CA ILE F 46 0.36 -0.26 -2.22
C ILE F 46 -1.08 -0.22 -1.74
N SER F 47 -1.29 -0.59 -0.48
CA SER F 47 -2.63 -0.56 0.09
C SER F 47 -3.10 0.87 0.30
N GLY F 48 -4.42 1.02 0.39
CA GLY F 48 -4.98 2.36 0.57
C GLY F 48 -4.64 2.98 1.90
N LEU F 49 -4.59 2.17 2.96
CA LEU F 49 -4.39 2.68 4.31
C LEU F 49 -2.92 2.87 4.67
N ILE F 50 -1.99 2.53 3.78
CA ILE F 50 -0.57 2.62 4.12
C ILE F 50 -0.09 4.07 4.18
N TYR F 51 -0.80 4.99 3.51
CA TYR F 51 -0.35 6.37 3.49
C TYR F 51 -0.46 7.02 4.87
N GLU F 52 -1.58 6.81 5.57
CA GLU F 52 -1.73 7.37 6.90
C GLU F 52 -0.71 6.77 7.87
N GLU F 53 -0.47 5.46 7.77
CA GLU F 53 0.51 4.82 8.63
C GLU F 53 1.91 5.37 8.36
N THR F 54 2.26 5.58 7.09
CA THR F 54 3.54 6.16 6.75
C THR F 54 3.66 7.58 7.29
N ARG F 55 2.57 8.35 7.21
CA ARG F 55 2.59 9.69 7.77
C ARG F 55 2.86 9.66 9.27
N GLY F 56 2.20 8.74 9.99
CA GLY F 56 2.45 8.62 11.42
C GLY F 56 3.88 8.22 11.73
N VAL F 57 4.42 7.25 10.99
CA VAL F 57 5.79 6.81 11.22
C VAL F 57 6.77 7.95 10.97
N LEU F 58 6.59 8.69 9.88
CA LEU F 58 7.46 9.82 9.58
C LEU F 58 7.36 10.87 10.66
N LYS F 59 6.15 11.14 11.16
CA LYS F 59 6.00 12.13 12.22
C LYS F 59 6.74 11.71 13.48
N VAL F 60 6.64 10.42 13.82
CA VAL F 60 7.35 9.91 15.04
C VAL F 60 8.85 10.10 14.86
N PHE F 61 9.39 9.66 13.72
CA PHE F 61 10.83 9.75 13.47
C PHE F 61 11.30 11.21 13.52
N LEU F 62 10.55 12.09 12.87
CA LEU F 62 10.91 13.50 12.86
C LEU F 62 10.86 14.09 14.26
N GLU F 63 9.85 13.72 15.05
CA GLU F 63 9.77 14.21 16.41
C GLU F 63 11.01 13.82 17.21
N ASN F 64 11.41 12.55 17.12
CA ASN F 64 12.59 12.11 17.87
C ASN F 64 13.83 12.89 17.44
N VAL F 65 14.10 12.92 16.13
CA VAL F 65 15.34 13.53 15.66
C VAL F 65 15.35 15.03 15.96
N ILE F 66 14.20 15.70 15.77
CA ILE F 66 14.13 17.13 16.01
C ILE F 66 14.27 17.45 17.49
N ARG F 67 13.73 16.61 18.36
CA ARG F 67 13.92 16.83 19.79
C ARG F 67 15.39 16.75 20.15
N ASP F 68 16.10 15.73 19.63
CA ASP F 68 17.53 15.64 19.91
C ASP F 68 18.28 16.84 19.36
N ALA F 69 17.96 17.26 18.14
CA ALA F 69 18.63 18.41 17.53
C ALA F 69 18.38 19.69 18.33
N VAL F 70 17.15 19.88 18.80
CA VAL F 70 16.83 21.08 19.56
C VAL F 70 17.54 21.06 20.91
N THR F 71 17.67 19.89 21.52
CA THR F 71 18.47 19.79 22.74
C THR F 71 19.91 20.22 22.47
N TYR F 72 20.51 19.67 21.42
CA TYR F 72 21.87 20.06 21.05
C TYR F 72 21.97 21.57 20.86
N THR F 73 21.02 22.16 20.12
CA THR F 73 21.07 23.59 19.85
C THR F 73 20.92 24.40 21.13
N GLU F 74 19.99 24.01 22.01
CA GLU F 74 19.82 24.70 23.28
C GLU F 74 21.09 24.66 24.10
N HIS F 75 21.84 23.56 24.04
CA HIS F 75 23.08 23.48 24.81
C HIS F 75 24.04 24.60 24.40
N ALA F 76 24.16 24.85 23.10
CA ALA F 76 25.06 25.88 22.59
C ALA F 76 24.53 27.30 22.78
N LYS F 77 23.41 27.46 23.47
CA LYS F 77 22.82 28.77 23.70
C LYS F 77 22.49 29.48 22.40
N ARG F 78 22.10 28.71 21.38
CA ARG F 78 21.82 29.25 20.06
C ARG F 78 20.32 29.25 19.79
N LYS F 79 19.94 29.78 18.63
CA LYS F 79 18.54 29.86 18.23
C LYS F 79 18.30 29.39 16.81
N THR F 80 19.30 28.88 16.11
CA THR F 80 19.15 28.32 14.77
C THR F 80 19.72 26.91 14.78
N VAL F 81 18.89 25.93 14.40
CA VAL F 81 19.33 24.55 14.33
C VAL F 81 20.29 24.40 13.16
N THR F 82 21.55 24.06 13.47
CA THR F 82 22.59 23.93 12.44
C THR F 82 22.61 22.51 11.90
N ALA F 83 23.15 22.31 10.70
CA ALA F 83 23.24 20.98 10.11
C ALA F 83 24.00 20.04 11.02
N MET F 84 25.01 20.56 11.73
CA MET F 84 25.76 19.73 12.66
C MET F 84 24.88 19.18 13.77
N ASP F 85 23.94 19.99 14.25
CA ASP F 85 23.02 19.50 15.28
C ASP F 85 22.21 18.32 14.78
N VAL F 86 21.71 18.41 13.54
CA VAL F 86 20.93 17.32 12.98
C VAL F 86 21.80 16.08 12.80
N VAL F 87 23.03 16.28 12.34
CA VAL F 87 23.93 15.14 12.14
C VAL F 87 24.21 14.45 13.48
N TYR F 88 24.47 15.23 14.53
CA TYR F 88 24.72 14.65 15.83
C TYR F 88 23.49 13.93 16.38
N ALA F 89 22.31 14.53 16.21
CA ALA F 89 21.09 13.89 16.67
C ALA F 89 20.85 12.57 15.95
N LEU F 90 21.13 12.53 14.65
CA LEU F 90 20.95 11.30 13.89
C LEU F 90 21.95 10.24 14.32
N LYS F 91 23.23 10.61 14.43
CA LYS F 91 24.24 9.66 14.89
C LYS F 91 23.90 9.15 16.29
N ARG F 92 23.22 9.98 17.09
CA ARG F 92 22.81 9.55 18.41
C ARG F 92 21.73 8.47 18.33
N GLN F 93 20.85 8.55 17.33
CA GLN F 93 19.80 7.57 17.13
C GLN F 93 20.28 6.28 16.48
N GLY F 94 21.53 6.23 16.05
CA GLY F 94 22.02 5.08 15.31
C GLY F 94 21.86 5.18 13.81
N ARG F 95 21.60 6.38 13.29
CA ARG F 95 21.44 6.61 11.85
C ARG F 95 22.48 7.67 11.45
N THR F 96 23.69 7.22 11.16
CA THR F 96 24.76 8.13 10.78
C THR F 96 24.48 8.68 9.39
N LEU F 97 24.75 9.97 9.19
CA LEU F 97 24.52 10.64 7.91
C LEU F 97 25.82 11.23 7.38
N TYR F 98 26.06 11.03 6.09
CA TYR F 98 27.27 11.49 5.43
C TYR F 98 26.94 12.63 4.48
N GLY F 99 27.81 13.65 4.47
CA GLY F 99 27.75 14.70 3.47
C GLY F 99 27.12 16.01 3.91
N PHE F 100 26.79 16.18 5.19
CA PHE F 100 26.22 17.42 5.68
C PHE F 100 27.04 17.98 6.83
N GLY F 101 28.32 17.60 6.90
CA GLY F 101 29.19 18.06 7.96
C GLY F 101 30.13 16.99 8.46
N GLY F 102 30.77 17.23 9.60
CA GLY F 102 31.71 16.28 10.17
C GLY F 102 31.14 14.89 10.37
N ALA G 12 39.95 22.66 60.59
CA ALA G 12 39.80 21.49 59.74
C ALA G 12 38.77 20.51 60.31
N LYS G 13 37.81 20.11 59.47
CA LYS G 13 36.79 19.15 59.89
C LYS G 13 36.25 18.49 58.64
N ALA G 14 36.51 17.19 58.50
CA ALA G 14 36.16 16.48 57.27
C ALA G 14 34.65 16.45 57.07
N LYS G 15 34.24 16.41 55.80
CA LYS G 15 32.83 16.30 55.44
C LYS G 15 32.75 15.76 54.02
N THR G 16 32.17 14.57 53.87
CA THR G 16 32.04 13.97 52.55
C THR G 16 31.12 14.82 51.69
N ARG G 17 31.51 15.05 50.44
CA ARG G 17 30.69 15.86 49.54
C ARG G 17 29.31 15.26 49.33
N SER G 18 29.15 13.96 49.56
CA SER G 18 27.82 13.36 49.48
C SER G 18 26.90 13.97 50.54
N SER G 19 27.40 14.15 51.76
CA SER G 19 26.60 14.77 52.81
C SER G 19 26.23 16.20 52.45
N ARG G 20 27.17 16.95 51.87
CA ARG G 20 26.90 18.34 51.51
C ARG G 20 25.78 18.43 50.50
N ALA G 21 25.81 17.60 49.46
CA ALA G 21 24.78 17.60 48.44
C ALA G 21 23.53 16.84 48.87
N GLY G 22 23.58 16.11 49.98
CA GLY G 22 22.44 15.33 50.41
C GLY G 22 22.27 14.01 49.70
N LEU G 23 23.30 13.51 49.03
CA LEU G 23 23.24 12.29 48.26
C LEU G 23 23.75 11.11 49.07
N GLN G 24 23.44 9.91 48.58
CA GLN G 24 23.99 8.67 49.11
C GLN G 24 25.12 8.11 48.26
N PHE G 25 25.09 8.31 46.96
CA PHE G 25 26.17 7.89 46.10
C PHE G 25 27.39 8.78 46.32
N PRO G 26 28.60 8.26 46.03
CA PRO G 26 29.83 8.99 46.37
C PRO G 26 30.15 10.06 45.35
N VAL G 27 30.10 11.33 45.78
CA VAL G 27 30.51 12.42 44.91
C VAL G 27 32.02 12.37 44.66
N GLY G 28 32.79 12.02 45.69
CA GLY G 28 34.24 11.96 45.52
C GLY G 28 34.66 10.89 44.54
N ARG G 29 34.09 9.69 44.67
CA ARG G 29 34.44 8.62 43.74
C ARG G 29 33.99 8.94 42.33
N VAL G 30 32.81 9.54 42.17
CA VAL G 30 32.34 9.91 40.84
C VAL G 30 33.26 10.96 40.23
N HIS G 31 33.69 11.93 41.03
CA HIS G 31 34.62 12.94 40.54
C HIS G 31 35.95 12.31 40.11
N ARG G 32 36.47 11.38 40.92
CA ARG G 32 37.71 10.72 40.56
C ARG G 32 37.57 9.92 39.27
N LEU G 33 36.44 9.23 39.12
CA LEU G 33 36.21 8.47 37.89
C LEU G 33 36.09 9.38 36.68
N LEU G 34 35.37 10.50 36.83
CA LEU G 34 35.27 11.46 35.73
C LEU G 34 36.63 12.03 35.37
N ARG G 35 37.50 12.24 36.36
CA ARG G 35 38.81 12.82 36.11
C ARG G 35 39.75 11.81 35.43
N LYS G 36 39.72 10.55 35.87
CA LYS G 36 40.64 9.54 35.39
C LYS G 36 40.09 8.72 34.23
N GLY G 37 38.87 9.00 33.79
CA GLY G 37 38.29 8.26 32.68
C GLY G 37 38.54 8.92 31.34
N ASN G 38 39.26 10.03 31.35
CA ASN G 38 39.59 10.75 30.12
C ASN G 38 38.33 11.20 29.38
N TYR G 39 37.54 12.05 30.04
CA TYR G 39 36.34 12.62 29.43
C TYR G 39 36.52 14.08 29.03
N ALA G 40 37.33 14.84 29.78
CA ALA G 40 37.63 16.22 29.45
C ALA G 40 38.88 16.63 30.20
N GLU G 41 39.49 17.73 29.75
CA GLU G 41 40.69 18.24 30.41
C GLU G 41 40.39 18.68 31.83
N ARG G 42 39.17 19.14 32.10
CA ARG G 42 38.79 19.62 33.43
C ARG G 42 37.39 19.13 33.75
N VAL G 43 37.10 19.07 35.05
CA VAL G 43 35.80 18.65 35.55
C VAL G 43 35.28 19.70 36.52
N GLY G 44 34.05 20.17 36.29
CA GLY G 44 33.50 21.21 37.12
C GLY G 44 33.15 20.71 38.51
N ALA G 45 32.98 21.68 39.42
CA ALA G 45 32.64 21.35 40.80
C ALA G 45 31.28 20.67 40.88
N GLY G 46 30.30 21.16 40.13
CA GLY G 46 28.96 20.61 40.20
C GLY G 46 28.72 19.41 39.31
N ALA G 47 29.62 19.12 38.37
CA ALA G 47 29.41 17.96 37.49
C ALA G 47 29.36 16.66 38.26
N PRO G 48 30.32 16.34 39.12
CA PRO G 48 30.20 15.09 39.90
C PRO G 48 28.95 15.04 40.75
N VAL G 49 28.55 16.16 41.34
CA VAL G 49 27.35 16.16 42.17
C VAL G 49 26.11 15.84 41.33
N TYR G 50 25.98 16.49 40.18
CA TYR G 50 24.84 16.23 39.31
C TYR G 50 24.82 14.78 38.84
N LEU G 51 25.98 14.27 38.42
CA LEU G 51 26.02 12.90 37.89
C LEU G 51 25.69 11.89 38.99
N ALA G 52 26.22 12.11 40.19
CA ALA G 52 25.91 11.21 41.30
C ALA G 52 24.43 11.27 41.66
N ALA G 53 23.85 12.47 41.66
CA ALA G 53 22.42 12.58 41.96
C ALA G 53 21.59 11.83 40.93
N VAL G 54 21.93 11.96 39.64
CA VAL G 54 21.18 11.26 38.61
C VAL G 54 21.31 9.75 38.78
N LEU G 55 22.54 9.27 39.04
CA LEU G 55 22.74 7.85 39.22
C LEU G 55 21.95 7.32 40.41
N GLU G 56 21.96 8.05 41.52
CA GLU G 56 21.20 7.63 42.69
C GLU G 56 19.70 7.61 42.39
N TYR G 57 19.20 8.62 41.67
CA TYR G 57 17.79 8.64 41.33
C TYR G 57 17.40 7.40 40.51
N LEU G 58 18.16 7.11 39.46
CA LEU G 58 17.82 5.96 38.63
C LEU G 58 17.90 4.67 39.42
N THR G 59 18.94 4.52 40.24
CA THR G 59 19.07 3.32 41.05
C THR G 59 17.89 3.18 42.00
N ALA G 60 17.49 4.27 42.65
CA ALA G 60 16.38 4.21 43.60
C ALA G 60 15.07 3.86 42.90
N GLU G 61 14.83 4.42 41.72
CA GLU G 61 13.60 4.11 40.99
C GLU G 61 13.55 2.63 40.63
N ILE G 62 14.62 2.11 40.04
CA ILE G 62 14.59 0.70 39.66
C ILE G 62 14.51 -0.18 40.90
N LEU G 63 15.16 0.22 42.00
CA LEU G 63 15.11 -0.57 43.22
C LEU G 63 13.70 -0.60 43.80
N GLU G 64 12.99 0.52 43.78
CA GLU G 64 11.61 0.53 44.26
C GLU G 64 10.73 -0.39 43.42
N LEU G 65 10.88 -0.32 42.10
CA LEU G 65 10.09 -1.19 41.24
C LEU G 65 10.41 -2.66 41.51
N ALA G 66 11.70 -2.99 41.65
CA ALA G 66 12.09 -4.37 41.89
C ALA G 66 11.60 -4.87 43.24
N GLY G 67 11.64 -4.01 44.26
CA GLY G 67 11.13 -4.40 45.57
C GLY G 67 9.64 -4.66 45.54
N ASN G 68 8.89 -3.81 44.83
CA ASN G 68 7.46 -4.08 44.68
C ASN G 68 7.23 -5.41 43.98
N ALA G 69 7.98 -5.67 42.90
CA ALA G 69 7.82 -6.92 42.17
C ALA G 69 8.14 -8.12 43.05
N ALA G 70 9.20 -8.02 43.87
CA ALA G 70 9.58 -9.13 44.73
C ALA G 70 8.52 -9.37 45.80
N ARG G 71 8.03 -8.30 46.44
CA ARG G 71 6.98 -8.46 47.43
C ARG G 71 5.71 -9.02 46.81
N ASP G 72 5.47 -8.75 45.53
CA ASP G 72 4.34 -9.35 44.84
C ASP G 72 4.51 -10.86 44.66
N ASN G 73 5.71 -11.39 44.89
CA ASN G 73 5.98 -12.82 44.81
C ASN G 73 6.16 -13.45 46.19
N LYS G 74 5.91 -12.70 47.26
CA LYS G 74 6.07 -13.20 48.63
C LYS G 74 7.53 -13.56 48.91
N LYS G 75 8.40 -12.57 48.69
CA LYS G 75 9.83 -12.74 48.92
C LYS G 75 10.41 -11.48 49.52
N THR G 76 11.50 -11.63 50.27
CA THR G 76 12.18 -10.47 50.87
C THR G 76 13.37 -10.10 50.00
N ARG G 77 14.30 -11.03 49.79
CA ARG G 77 15.49 -10.74 49.02
C ARG G 77 15.14 -10.47 47.56
N ILE G 78 15.73 -9.43 46.99
CA ILE G 78 15.59 -9.14 45.57
C ILE G 78 16.57 -10.01 44.81
N ILE G 79 16.08 -10.67 43.75
CA ILE G 79 16.94 -11.49 42.90
C ILE G 79 16.90 -10.92 41.48
N PRO G 80 17.70 -11.43 40.56
CA PRO G 80 17.70 -10.86 39.21
C PRO G 80 16.35 -10.94 38.51
N ARG G 81 15.51 -11.93 38.85
CA ARG G 81 14.21 -12.05 38.21
C ARG G 81 13.34 -10.84 38.51
N HIS G 82 13.35 -10.36 39.76
CA HIS G 82 12.56 -9.18 40.10
C HIS G 82 13.07 -7.94 39.39
N LEU G 83 14.39 -7.81 39.25
CA LEU G 83 14.95 -6.69 38.50
C LEU G 83 14.51 -6.75 37.05
N GLN G 84 14.53 -7.93 36.45
CA GLN G 84 14.08 -8.07 35.07
C GLN G 84 12.60 -7.72 34.93
N LEU G 85 11.78 -8.18 35.87
CA LEU G 85 10.36 -7.86 35.84
C LEU G 85 10.14 -6.36 35.92
N ALA G 86 10.85 -5.69 36.84
CA ALA G 86 10.70 -4.24 36.98
C ALA G 86 11.13 -3.52 35.71
N ILE G 87 12.26 -3.93 35.13
CA ILE G 87 12.77 -3.24 33.95
C ILE G 87 11.83 -3.45 32.75
N ARG G 88 11.34 -4.67 32.57
CA ARG G 88 10.54 -4.97 31.38
C ARG G 88 9.07 -4.57 31.52
N ASN G 89 8.59 -4.34 32.75
CA ASN G 89 7.20 -3.94 32.92
C ASN G 89 7.01 -2.45 32.68
N ASP G 90 7.86 -1.62 33.29
CA ASP G 90 7.75 -0.18 33.14
C ASP G 90 8.35 0.25 31.80
N GLU G 91 7.64 1.17 31.12
CA GLU G 91 8.02 1.51 29.75
C GLU G 91 9.27 2.37 29.70
N GLU G 92 9.40 3.33 30.63
CA GLU G 92 10.59 4.19 30.63
C GLU G 92 11.85 3.38 30.89
N LEU G 93 11.83 2.57 31.95
CA LEU G 93 12.99 1.75 32.27
C LEU G 93 13.26 0.73 31.18
N ASN G 94 12.20 0.18 30.58
CA ASN G 94 12.36 -0.75 29.47
C ASN G 94 13.05 -0.10 28.29
N LYS G 95 12.69 1.15 27.99
CA LYS G 95 13.31 1.86 26.87
C LYS G 95 14.76 2.23 27.17
N LEU G 96 15.03 2.66 28.41
CA LEU G 96 16.41 3.00 28.76
C LEU G 96 17.33 1.79 28.68
N LEU G 97 16.81 0.60 28.95
CA LEU G 97 17.58 -0.63 28.93
C LEU G 97 17.01 -1.61 27.91
N GLY G 98 16.67 -1.12 26.73
CA GLY G 98 16.05 -1.97 25.72
C GLY G 98 17.00 -2.96 25.07
N LYS G 99 18.29 -2.68 25.09
CA LYS G 99 19.30 -3.54 24.47
C LYS G 99 20.22 -4.18 25.49
N VAL G 100 19.68 -4.52 26.66
CA VAL G 100 20.46 -5.07 27.77
C VAL G 100 19.90 -6.43 28.13
N THR G 101 20.80 -7.38 28.40
CA THR G 101 20.44 -8.72 28.86
C THR G 101 20.83 -8.84 30.32
N ILE G 102 19.86 -9.19 31.17
CA ILE G 102 20.09 -9.38 32.59
C ILE G 102 20.26 -10.87 32.86
N ALA G 103 21.36 -11.24 33.50
CA ALA G 103 21.65 -12.65 33.73
C ALA G 103 20.64 -13.23 34.71
N GLN G 104 20.09 -14.40 34.35
CA GLN G 104 19.08 -15.08 35.16
C GLN G 104 17.80 -14.25 35.31
N GLY G 105 17.58 -13.29 34.41
CA GLY G 105 16.39 -12.46 34.52
C GLY G 105 15.14 -13.13 34.02
N GLY G 106 15.28 -14.04 33.07
CA GLY G 106 14.11 -14.67 32.46
C GLY G 106 13.47 -13.79 31.42
N VAL G 107 12.26 -14.19 31.01
CA VAL G 107 11.49 -13.41 30.00
C VAL G 107 10.17 -12.99 30.66
N LEU G 108 9.53 -11.94 30.16
CA LEU G 108 8.20 -11.56 30.70
C LEU G 108 7.20 -12.62 30.25
N PRO G 109 6.18 -12.96 31.05
CA PRO G 109 5.14 -13.93 30.65
C PRO G 109 4.20 -13.40 29.59
N ASN G 110 4.35 -13.79 28.31
CA ASN G 110 3.34 -13.41 27.33
C ASN G 110 3.13 -14.54 26.34
N ILE G 111 1.92 -14.60 25.80
CA ILE G 111 1.56 -15.57 24.77
C ILE G 111 0.65 -14.88 23.77
N GLN G 112 0.91 -15.12 22.49
CA GLN G 112 0.08 -14.51 21.45
C GLN G 112 -1.30 -15.14 21.46
N ALA G 113 -2.33 -14.29 21.44
CA ALA G 113 -3.70 -14.78 21.54
C ALA G 113 -4.03 -15.75 20.42
N VAL G 114 -3.34 -15.65 19.29
CA VAL G 114 -3.57 -16.57 18.19
C VAL G 114 -3.26 -18.00 18.60
N LEU G 115 -2.37 -18.17 19.58
CA LEU G 115 -1.97 -19.50 20.03
C LEU G 115 -2.82 -20.02 21.19
N LEU G 116 -3.51 -19.15 21.91
CA LEU G 116 -4.36 -19.62 22.99
C LEU G 116 -5.41 -20.58 22.45
N PRO G 117 -5.75 -21.64 23.19
CA PRO G 117 -6.63 -22.67 22.63
C PRO G 117 -7.96 -22.09 22.19
N LYS G 118 -8.47 -22.59 21.07
CA LYS G 118 -9.74 -22.15 20.52
C LYS G 118 -10.88 -22.43 21.49
N SER H 32 43.83 -6.78 44.03
CA SER H 32 43.96 -5.93 45.21
C SER H 32 42.60 -5.54 45.77
N ARG H 33 42.45 -4.25 46.08
CA ARG H 33 41.21 -3.73 46.65
C ARG H 33 40.29 -3.28 45.53
N LYS H 34 39.20 -4.00 45.34
CA LYS H 34 38.20 -3.64 44.34
C LYS H 34 37.29 -2.53 44.87
N GLU H 35 36.54 -1.93 43.96
CA GLU H 35 35.56 -0.90 44.31
C GLU H 35 34.24 -1.20 43.62
N SER H 36 33.16 -0.95 44.33
CA SER H 36 31.82 -1.21 43.80
C SER H 36 30.82 -0.32 44.52
N TYR H 37 29.64 -0.20 43.92
CA TYR H 37 28.57 0.60 44.49
C TYR H 37 27.68 -0.18 45.44
N SER H 38 28.01 -1.44 45.73
CA SER H 38 27.19 -2.25 46.61
C SER H 38 26.98 -1.58 47.96
N VAL H 39 27.95 -0.80 48.42
CA VAL H 39 27.83 -0.14 49.71
C VAL H 39 26.75 0.93 49.66
N TYR H 40 26.64 1.65 48.54
CA TYR H 40 25.65 2.71 48.42
C TYR H 40 24.33 2.22 47.88
N VAL H 41 24.34 1.25 46.97
CA VAL H 41 23.10 0.67 46.48
C VAL H 41 22.28 0.11 47.64
N TYR H 42 22.95 -0.34 48.69
CA TYR H 42 22.23 -0.82 49.87
C TYR H 42 21.65 0.31 50.70
N LYS H 43 22.30 1.47 50.73
CA LYS H 43 21.71 2.62 51.39
C LYS H 43 20.44 3.07 50.68
N VAL H 44 20.54 3.25 49.36
CA VAL H 44 19.36 3.65 48.59
C VAL H 44 18.23 2.65 48.80
N LEU H 45 18.55 1.36 48.75
CA LEU H 45 17.54 0.34 49.03
C LEU H 45 16.88 0.60 50.38
N LYS H 46 17.67 0.82 51.42
CA LYS H 46 17.11 1.05 52.74
C LYS H 46 16.26 2.32 52.77
N GLN H 47 16.52 3.26 51.87
CA GLN H 47 15.73 4.49 51.82
C GLN H 47 14.47 4.34 50.99
N VAL H 48 14.28 3.22 50.30
CA VAL H 48 13.10 3.01 49.48
C VAL H 48 12.34 1.74 49.86
N HIS H 49 12.98 0.76 50.47
CA HIS H 49 12.30 -0.46 50.93
C HIS H 49 13.03 -0.94 52.17
N PRO H 50 12.65 -0.45 53.34
CA PRO H 50 13.48 -0.65 54.54
C PRO H 50 13.75 -2.11 54.88
N ASP H 51 12.80 -3.00 54.64
CA ASP H 51 12.91 -4.38 55.11
C ASP H 51 13.27 -5.36 54.00
N THR H 52 13.59 -4.88 52.80
CA THR H 52 13.90 -5.75 51.67
C THR H 52 15.41 -5.82 51.50
N GLY H 53 15.93 -7.04 51.32
CA GLY H 53 17.32 -7.26 51.03
C GLY H 53 17.57 -7.50 49.55
N ILE H 54 18.83 -7.74 49.22
CA ILE H 54 19.25 -7.99 47.85
C ILE H 54 20.24 -9.14 47.86
N SER H 55 20.15 -10.00 46.85
CA SER H 55 21.06 -11.12 46.72
C SER H 55 22.40 -10.63 46.17
N SER H 56 23.29 -11.57 45.84
CA SER H 56 24.59 -11.19 45.30
C SER H 56 24.56 -11.03 43.79
N LYS H 57 23.82 -11.91 43.11
CA LYS H 57 23.65 -11.76 41.64
C LYS H 57 22.94 -10.43 41.38
N ALA H 58 21.86 -10.17 42.13
CA ALA H 58 21.11 -8.94 41.95
C ALA H 58 21.98 -7.72 42.21
N MET H 59 22.83 -7.79 43.24
CA MET H 59 23.75 -6.69 43.52
C MET H 59 24.74 -6.49 42.37
N GLY H 60 25.23 -7.58 41.80
CA GLY H 60 26.10 -7.46 40.64
C GLY H 60 25.39 -6.82 39.46
N ILE H 61 24.13 -7.20 39.23
CA ILE H 61 23.35 -6.57 38.17
C ILE H 61 23.21 -5.07 38.43
N MET H 62 22.92 -4.70 39.67
CA MET H 62 22.78 -3.29 40.01
C MET H 62 24.08 -2.52 39.80
N ASN H 63 25.19 -3.11 40.21
CA ASN H 63 26.49 -2.46 40.00
C ASN H 63 26.79 -2.28 38.52
N SER H 64 26.51 -3.32 37.72
CA SER H 64 26.73 -3.21 36.28
C SER H 64 25.84 -2.14 35.66
N PHE H 65 24.59 -2.04 36.14
CA PHE H 65 23.68 -1.02 35.63
C PHE H 65 24.17 0.38 35.95
N VAL H 66 24.65 0.59 37.18
CA VAL H 66 25.18 1.90 37.53
C VAL H 66 26.39 2.24 36.68
N ASN H 67 27.27 1.25 36.47
CA ASN H 67 28.44 1.48 35.62
C ASN H 67 28.02 1.83 34.19
N ASP H 68 27.02 1.12 33.66
CA ASP H 68 26.55 1.39 32.31
C ASP H 68 26.02 2.81 32.19
N ILE H 69 25.16 3.23 33.11
CA ILE H 69 24.57 4.56 33.01
C ILE H 69 25.64 5.63 33.20
N PHE H 70 26.58 5.41 34.11
CA PHE H 70 27.67 6.36 34.29
C PHE H 70 28.46 6.52 33.00
N GLU H 71 28.85 5.40 32.37
CA GLU H 71 29.59 5.48 31.12
C GLU H 71 28.80 6.23 30.06
N ARG H 72 27.51 5.91 29.94
CA ARG H 72 26.69 6.57 28.92
C ARG H 72 26.66 8.08 29.13
N ILE H 73 26.31 8.52 30.34
CA ILE H 73 26.17 9.94 30.59
C ILE H 73 27.51 10.66 30.45
N ALA H 74 28.59 10.06 30.98
CA ALA H 74 29.90 10.69 30.88
C ALA H 74 30.33 10.83 29.43
N GLY H 75 30.12 9.79 28.61
CA GLY H 75 30.49 9.88 27.22
C GLY H 75 29.70 10.93 26.46
N GLU H 76 28.39 11.00 26.71
CA GLU H 76 27.58 12.02 26.06
C GLU H 76 28.02 13.42 26.48
N ALA H 77 28.31 13.62 27.76
CA ALA H 77 28.78 14.93 28.21
C ALA H 77 30.13 15.27 27.58
N SER H 78 31.01 14.28 27.46
CA SER H 78 32.30 14.52 26.82
C SER H 78 32.12 14.93 25.36
N ARG H 79 31.22 14.25 24.64
CA ARG H 79 30.95 14.63 23.25
C ARG H 79 30.38 16.04 23.18
N LEU H 80 29.48 16.38 24.09
CA LEU H 80 28.91 17.72 24.11
C LEU H 80 30.00 18.78 24.33
N ALA H 81 30.89 18.54 25.30
CA ALA H 81 31.96 19.49 25.57
C ALA H 81 32.89 19.62 24.36
N HIS H 82 33.22 18.50 23.72
CA HIS H 82 34.12 18.55 22.56
C HIS H 82 33.48 19.27 21.39
N TYR H 83 32.18 19.08 21.17
CA TYR H 83 31.51 19.68 20.02
C TYR H 83 31.55 21.21 20.10
N ASN H 84 31.29 21.76 21.27
CA ASN H 84 31.24 23.21 21.45
C ASN H 84 32.62 23.84 21.61
N LYS H 85 33.68 23.11 21.25
CA LYS H 85 35.04 23.61 21.37
C LYS H 85 35.34 24.10 22.79
N ARG H 86 34.97 23.26 23.76
CA ARG H 86 35.28 23.48 25.16
C ARG H 86 36.18 22.36 25.66
N SER H 87 36.70 22.53 26.88
CA SER H 87 37.62 21.57 27.45
C SER H 87 37.30 21.27 28.91
N THR H 88 36.03 21.38 29.29
CA THR H 88 35.62 21.05 30.64
C THR H 88 34.19 20.50 30.61
N ILE H 89 33.90 19.64 31.59
CA ILE H 89 32.56 19.08 31.77
C ILE H 89 31.98 19.65 33.05
N THR H 90 30.84 20.32 32.94
CA THR H 90 30.21 20.95 34.09
C THR H 90 28.77 20.46 34.25
N SER H 91 28.01 21.06 35.16
CA SER H 91 26.63 20.63 35.36
C SER H 91 25.80 20.83 34.10
N ARG H 92 26.12 21.84 33.30
CA ARG H 92 25.39 22.06 32.05
C ARG H 92 25.51 20.84 31.13
N GLU H 93 26.73 20.36 30.91
CA GLU H 93 26.95 19.23 30.03
C GLU H 93 26.28 17.98 30.57
N ILE H 94 26.35 17.75 31.88
CA ILE H 94 25.73 16.57 32.48
C ILE H 94 24.22 16.63 32.30
N GLN H 95 23.62 17.81 32.53
CA GLN H 95 22.18 17.94 32.36
C GLN H 95 21.76 17.72 30.92
N THR H 96 22.52 18.25 29.97
CA THR H 96 22.19 18.06 28.56
C THR H 96 22.31 16.58 28.18
N ALA H 97 23.36 15.90 28.67
CA ALA H 97 23.51 14.48 28.38
C ALA H 97 22.38 13.67 28.98
N VAL H 98 21.95 14.02 30.19
CA VAL H 98 20.82 13.34 30.80
C VAL H 98 19.57 13.53 29.94
N ARG H 99 19.34 14.75 29.46
CA ARG H 99 18.19 14.99 28.61
C ARG H 99 18.28 14.18 27.32
N LEU H 100 19.46 14.10 26.69
CA LEU H 100 19.60 13.42 25.39
C LEU H 100 19.47 11.89 25.55
N LEU H 101 19.94 11.32 26.66
CA LEU H 101 19.96 9.85 26.85
C LEU H 101 18.71 9.31 27.59
N LEU H 102 18.10 10.06 28.50
CA LEU H 102 16.99 9.49 29.32
C LEU H 102 15.65 9.73 28.60
N PRO H 103 14.67 8.80 28.65
CA PRO H 103 13.45 8.90 27.83
C PRO H 103 12.27 9.61 28.48
N GLY H 104 12.30 10.94 28.50
CA GLY H 104 11.11 11.75 28.71
C GLY H 104 10.72 12.11 30.14
N GLU H 105 10.16 11.18 30.90
CA GLU H 105 9.77 11.48 32.27
C GLU H 105 10.89 11.17 33.25
N LEU H 106 11.58 10.05 33.05
CA LEU H 106 12.83 9.80 33.75
C LEU H 106 13.75 11.01 33.62
N ALA H 107 13.82 11.58 32.42
CA ALA H 107 14.70 12.73 32.20
C ALA H 107 14.27 13.93 33.02
N LYS H 108 12.95 14.20 33.02
CA LYS H 108 12.42 15.35 33.78
C LYS H 108 12.76 15.20 35.27
N HIS H 109 12.47 14.04 35.85
CA HIS H 109 12.70 13.82 37.28
C HIS H 109 14.20 13.84 37.61
N ALA H 110 15.02 13.24 36.74
CA ALA H 110 16.46 13.25 36.98
C ALA H 110 17.03 14.66 36.92
N VAL H 111 16.55 15.47 35.97
CA VAL H 111 17.03 16.85 35.87
C VAL H 111 16.64 17.63 37.11
N SER H 112 15.39 17.48 37.56
CA SER H 112 14.96 18.14 38.78
C SER H 112 15.85 17.76 39.96
N GLU H 113 16.08 16.45 40.14
CA GLU H 113 16.86 16.00 41.29
C GLU H 113 18.31 16.49 41.19
N GLY H 114 18.90 16.46 40.01
CA GLY H 114 20.27 16.92 39.86
C GLY H 114 20.42 18.41 40.12
N THR H 115 19.48 19.22 39.61
CA THR H 115 19.54 20.65 39.89
C THR H 115 19.38 20.93 41.37
N LYS H 116 18.47 20.21 42.03
CA LYS H 116 18.31 20.40 43.47
C LYS H 116 19.57 19.99 44.22
N ALA H 117 20.22 18.90 43.79
CA ALA H 117 21.45 18.46 44.44
C ALA H 117 22.55 19.50 44.29
N VAL H 118 22.70 20.06 43.10
CA VAL H 118 23.73 21.07 42.88
C VAL H 118 23.43 22.32 43.71
N THR H 119 22.16 22.72 43.78
CA THR H 119 21.79 23.87 44.59
C THR H 119 22.15 23.64 46.05
N LYS H 120 21.78 22.48 46.59
CA LYS H 120 22.11 22.18 47.99
C LYS H 120 23.61 22.13 48.21
N TYR H 121 24.35 21.55 47.27
CA TYR H 121 25.80 21.47 47.40
C TYR H 121 26.43 22.86 47.46
N THR H 122 25.99 23.75 46.57
CA THR H 122 26.54 25.10 46.56
C THR H 122 26.16 25.87 47.81
N SER H 123 24.91 25.72 48.27
CA SER H 123 24.46 26.49 49.43
C SER H 123 25.31 26.18 50.65
N SER H 124 25.63 24.91 50.89
CA SER H 124 26.45 24.52 52.02
C SER H 124 27.84 25.15 51.92
N GLU K 28 -33.21 -16.81 -48.05
CA GLU K 28 -33.06 -15.76 -47.05
C GLU K 28 -34.29 -14.86 -46.98
N SER K 29 -34.61 -14.21 -48.10
CA SER K 29 -35.73 -13.27 -48.14
C SER K 29 -36.97 -13.84 -47.47
N TYR K 30 -37.51 -13.13 -46.47
CA TYR K 30 -38.70 -13.56 -45.75
C TYR K 30 -39.89 -12.64 -45.93
N LEU K 31 -39.75 -11.56 -46.72
CA LEU K 31 -40.84 -10.61 -46.84
C LEU K 31 -40.87 -10.02 -48.25
N SER K 32 -42.08 -9.74 -48.71
CA SER K 32 -42.34 -9.19 -50.03
C SER K 32 -43.67 -8.44 -50.01
N PRO K 33 -44.10 -7.83 -51.12
CA PRO K 33 -45.37 -7.10 -51.12
C PRO K 33 -46.58 -8.02 -51.11
N ALA K 34 -46.59 -9.00 -50.21
CA ALA K 34 -47.72 -9.91 -50.02
C ALA K 34 -48.38 -9.76 -48.66
N GLN K 35 -47.61 -9.38 -47.64
CA GLN K 35 -48.12 -9.17 -46.30
C GLN K 35 -47.74 -7.77 -45.87
N SER K 36 -48.71 -6.85 -45.85
CA SER K 36 -48.47 -5.50 -45.36
C SER K 36 -49.79 -4.79 -45.03
N VAL K 37 -50.06 -4.59 -43.74
CA VAL K 37 -51.17 -3.75 -43.35
C VAL K 37 -50.75 -2.29 -43.29
N LYS K 38 -49.44 -2.02 -43.39
CA LYS K 38 -48.87 -0.70 -43.28
C LYS K 38 -49.59 0.30 -44.17
N PRO K 39 -50.29 1.29 -43.60
CA PRO K 39 -50.90 2.34 -44.43
C PRO K 39 -49.83 3.08 -45.22
N LYS K 40 -50.18 3.46 -46.45
CA LYS K 40 -49.23 4.04 -47.39
C LYS K 40 -49.53 5.53 -47.58
N ILE K 41 -48.53 6.36 -47.31
CA ILE K 41 -48.53 7.76 -47.70
C ILE K 41 -47.15 8.10 -48.24
N ASN K 42 -47.10 9.14 -49.05
CA ASN K 42 -45.87 9.53 -49.74
C ASN K 42 -45.21 10.69 -49.00
N THR K 43 -43.91 10.56 -48.72
CA THR K 43 -43.21 11.59 -47.98
C THR K 43 -43.21 12.93 -48.71
N GLU K 44 -43.31 12.91 -50.04
CA GLU K 44 -43.32 14.13 -50.83
C GLU K 44 -44.72 14.73 -50.81
N GLU K 45 -45.08 15.32 -49.66
CA GLU K 45 -46.40 15.90 -49.49
C GLU K 45 -46.25 17.36 -49.07
N LYS K 46 -47.39 18.05 -49.07
CA LYS K 46 -47.48 19.45 -48.63
C LYS K 46 -48.43 19.53 -47.45
N LEU K 47 -48.05 20.30 -46.43
CA LEU K 47 -48.83 20.38 -45.21
C LEU K 47 -48.82 21.79 -44.65
N PRO K 48 -49.99 22.37 -44.36
CA PRO K 48 -50.06 23.68 -43.72
C PRO K 48 -49.68 23.57 -42.24
N ARG K 49 -49.81 24.70 -41.54
CA ARG K 49 -49.43 24.73 -40.13
C ARG K 49 -50.37 23.87 -39.29
N GLU K 50 -51.67 23.86 -39.64
CA GLU K 50 -52.61 23.04 -38.88
C GLU K 50 -52.31 21.56 -39.01
N LYS K 51 -52.17 21.07 -40.25
CA LYS K 51 -51.81 19.68 -40.45
C LYS K 51 -50.41 19.39 -39.93
N LEU K 52 -49.47 20.33 -40.13
CA LEU K 52 -48.13 20.19 -39.60
C LEU K 52 -48.04 20.43 -38.10
N ASN K 53 -49.11 20.89 -37.47
CA ASN K 53 -49.11 21.09 -36.03
C ASN K 53 -50.50 20.90 -35.45
N PRO K 54 -51.14 19.75 -35.70
CA PRO K 54 -52.50 19.54 -35.22
C PRO K 54 -52.50 18.86 -33.87
N PRO K 55 -53.49 19.13 -33.03
CA PRO K 55 -53.66 18.31 -31.81
C PRO K 55 -53.86 16.86 -32.18
N THR K 56 -53.26 15.98 -31.39
CA THR K 56 -53.31 14.56 -31.69
C THR K 56 -54.41 13.89 -30.87
N PRO K 57 -55.06 12.85 -31.42
CA PRO K 57 -56.17 12.21 -30.69
C PRO K 57 -55.83 11.92 -29.24
N SER K 58 -56.68 12.39 -28.34
CA SER K 58 -56.48 12.22 -26.91
C SER K 58 -57.77 11.71 -26.28
N ILE K 59 -57.63 10.98 -25.18
CA ILE K 59 -58.75 10.39 -24.47
C ILE K 59 -58.51 10.53 -22.97
N TYR K 60 -59.45 10.01 -22.18
CA TYR K 60 -59.42 10.08 -20.73
C TYR K 60 -59.62 8.66 -20.19
N LEU K 61 -59.64 8.53 -18.86
CA LEU K 61 -59.90 7.25 -18.23
C LEU K 61 -60.59 7.51 -16.89
N GLU K 62 -61.84 7.05 -16.77
CA GLU K 62 -62.60 7.22 -15.54
C GLU K 62 -62.93 5.90 -14.86
N SER K 63 -62.42 4.78 -15.36
CA SER K 63 -62.59 3.49 -14.70
C SER K 63 -61.60 2.51 -15.29
N LYS K 64 -61.43 1.38 -14.59
CA LYS K 64 -60.60 0.31 -15.12
C LYS K 64 -61.14 -0.20 -16.45
N ARG K 65 -62.46 -0.37 -16.53
CA ARG K 65 -63.08 -0.90 -17.73
C ARG K 65 -62.75 -0.07 -18.96
N ASP K 66 -62.53 1.23 -18.80
CA ASP K 66 -62.20 2.07 -19.94
C ASP K 66 -60.94 1.56 -20.64
N ALA K 67 -59.81 1.59 -19.95
CA ALA K 67 -58.56 1.14 -20.55
C ALA K 67 -58.62 -0.35 -20.88
N PHE K 68 -59.17 -1.16 -19.97
CA PHE K 68 -59.22 -2.60 -20.21
C PHE K 68 -60.16 -2.94 -21.36
N SER K 69 -61.19 -2.13 -21.58
CA SER K 69 -62.12 -2.41 -22.67
C SER K 69 -61.40 -2.34 -24.01
N PRO K 70 -61.82 -3.12 -24.99
CA PRO K 70 -61.12 -3.13 -26.28
C PRO K 70 -61.09 -1.78 -26.97
N VAL K 71 -62.01 -0.87 -26.63
CA VAL K 71 -62.01 0.44 -27.29
C VAL K 71 -60.69 1.18 -27.03
N LEU K 72 -60.28 1.25 -25.76
CA LEU K 72 -59.04 1.96 -25.43
C LEU K 72 -57.83 1.23 -26.02
N LEU K 73 -57.76 -0.10 -25.87
CA LEU K 73 -56.60 -0.82 -26.37
C LEU K 73 -56.48 -0.67 -27.88
N GLN K 74 -57.61 -0.74 -28.59
CA GLN K 74 -57.58 -0.55 -30.04
C GLN K 74 -57.19 0.89 -30.38
N PHE K 75 -57.66 1.86 -29.61
CA PHE K 75 -57.21 3.24 -29.79
C PHE K 75 -55.70 3.31 -29.69
N CYS K 76 -55.10 2.55 -28.78
CA CYS K 76 -53.64 2.47 -28.70
C CYS K 76 -53.03 1.61 -29.80
N THR K 77 -53.82 0.77 -30.45
CA THR K 77 -53.38 -0.02 -31.59
C THR K 77 -53.98 0.46 -32.89
N ASP K 78 -54.44 1.72 -32.92
CA ASP K 78 -55.19 2.29 -34.03
C ASP K 78 -54.30 3.18 -34.89
N PRO K 79 -54.19 2.90 -36.19
CA PRO K 79 -53.33 3.73 -37.04
C PRO K 79 -53.79 5.18 -37.14
N ARG K 80 -55.06 5.48 -36.83
CA ARG K 80 -55.55 6.84 -37.03
C ARG K 80 -54.81 7.84 -36.15
N ASN K 81 -54.50 7.46 -34.91
CA ASN K 81 -53.86 8.38 -33.98
C ASN K 81 -52.38 8.07 -33.88
N PRO K 82 -51.49 9.01 -34.21
CA PRO K 82 -50.05 8.77 -33.97
C PRO K 82 -49.71 8.54 -32.51
N ILE K 83 -50.42 9.17 -31.57
CA ILE K 83 -50.19 8.94 -30.15
C ILE K 83 -51.36 9.45 -29.33
N THR K 84 -51.67 8.76 -28.23
CA THR K 84 -52.80 9.13 -27.38
C THR K 84 -52.31 9.41 -25.97
N VAL K 85 -53.06 10.26 -25.27
CA VAL K 85 -52.73 10.66 -23.90
C VAL K 85 -53.78 10.10 -22.97
N ILE K 86 -53.37 9.24 -22.04
CA ILE K 86 -54.24 8.78 -20.97
C ILE K 86 -53.92 9.70 -19.80
N ARG K 87 -54.65 10.81 -19.73
CA ARG K 87 -54.40 11.84 -18.73
C ARG K 87 -54.99 11.43 -17.39
N GLY K 88 -54.15 11.42 -16.35
CA GLY K 88 -54.61 11.11 -15.02
C GLY K 88 -54.93 9.66 -14.76
N LEU K 89 -54.52 8.75 -15.65
CA LEU K 89 -54.80 7.33 -15.45
C LEU K 89 -54.35 6.86 -14.09
N ALA K 90 -53.08 7.16 -13.74
CA ALA K 90 -52.61 6.86 -12.40
C ALA K 90 -53.20 7.81 -11.38
N GLY K 91 -53.59 9.02 -11.80
CA GLY K 91 -54.14 9.99 -10.87
C GLY K 91 -55.41 9.52 -10.20
N SER K 92 -56.13 8.58 -10.82
CA SER K 92 -57.36 8.04 -10.28
C SER K 92 -57.14 6.70 -9.59
N LEU K 93 -56.60 5.72 -10.32
CA LEU K 93 -56.36 4.40 -9.73
C LEU K 93 -55.41 4.50 -8.55
N ARG K 94 -54.55 5.51 -8.54
CA ARG K 94 -53.64 5.75 -7.42
C ARG K 94 -52.73 4.55 -7.16
N LEU K 95 -51.91 4.19 -8.14
CA LEU K 95 -50.80 3.28 -7.91
C LEU K 95 -49.63 4.07 -7.36
N ASN K 96 -48.84 3.43 -6.48
CA ASN K 96 -47.78 4.16 -5.79
C ASN K 96 -46.59 4.41 -6.71
N LEU K 97 -46.84 5.11 -7.81
CA LEU K 97 -45.74 5.57 -8.66
C LEU K 97 -44.84 6.56 -7.95
N GLY K 98 -45.31 7.18 -6.87
CA GLY K 98 -44.42 7.96 -6.04
C GLY K 98 -43.32 7.12 -5.42
N LEU K 99 -43.58 5.82 -5.25
CA LEU K 99 -42.51 4.90 -4.87
C LEU K 99 -41.42 4.83 -5.92
N PHE K 100 -41.76 5.05 -7.20
CA PHE K 100 -40.77 5.22 -8.25
C PHE K 100 -39.97 6.51 -8.10
N SER K 101 -40.38 7.42 -7.22
CA SER K 101 -39.65 8.66 -7.03
C SER K 101 -38.21 8.36 -6.66
N THR K 102 -37.29 9.16 -7.21
CA THR K 102 -35.87 8.93 -6.91
C THR K 102 -35.58 9.04 -5.42
N LYS K 103 -36.43 9.71 -4.65
CA LYS K 103 -36.28 9.76 -3.20
C LYS K 103 -36.40 8.34 -2.62
N THR K 104 -37.58 7.75 -2.73
CA THR K 104 -37.72 6.36 -2.33
C THR K 104 -37.03 5.40 -3.27
N LEU K 105 -36.53 5.90 -4.41
CA LEU K 105 -35.65 5.09 -5.25
C LEU K 105 -34.31 4.87 -4.56
N VAL K 106 -33.72 5.94 -4.02
CA VAL K 106 -32.56 5.76 -3.15
C VAL K 106 -32.95 4.97 -1.91
N GLU K 107 -34.13 5.27 -1.35
CA GLU K 107 -34.65 4.37 -0.32
C GLU K 107 -35.21 3.07 -0.90
N ALA K 108 -34.92 2.82 -2.18
CA ALA K 108 -35.19 1.54 -2.83
C ALA K 108 -33.92 1.00 -3.49
N SER K 109 -32.82 1.75 -3.42
CA SER K 109 -31.56 1.32 -3.99
C SER K 109 -30.44 2.25 -3.53
N GLY K 110 -29.35 1.68 -3.05
CA GLY K 110 -28.18 2.48 -2.74
C GLY K 110 -27.13 2.36 -3.83
N GLU K 111 -27.03 1.15 -4.39
CA GLU K 111 -25.98 0.88 -5.41
C GLU K 111 -26.57 0.11 -6.61
N HIS K 112 -26.38 0.61 -7.82
CA HIS K 112 -26.84 0.05 -9.08
C HIS K 112 -26.26 0.83 -10.24
N THR K 113 -26.50 0.41 -11.48
CA THR K 113 -26.01 1.10 -12.65
C THR K 113 -27.10 1.99 -13.25
N VAL K 114 -26.74 3.24 -13.52
CA VAL K 114 -27.64 4.20 -14.15
C VAL K 114 -26.87 4.82 -15.31
N GLU K 115 -27.03 4.26 -16.50
CA GLU K 115 -26.42 4.83 -17.69
C GLU K 115 -26.99 6.21 -17.95
N VAL K 116 -26.07 7.14 -18.22
CA VAL K 116 -26.47 8.56 -18.42
C VAL K 116 -25.82 9.12 -19.70
N ARG K 117 -26.59 9.88 -20.48
CA ARG K 117 -26.10 10.52 -21.70
C ARG K 117 -25.81 11.98 -21.39
N THR K 118 -24.53 12.33 -21.31
CA THR K 118 -24.17 13.72 -21.05
C THR K 118 -24.69 14.61 -22.18
N GLN K 119 -25.31 15.72 -21.82
CA GLN K 119 -25.87 16.63 -22.80
C GLN K 119 -25.88 18.05 -22.23
N VAL K 120 -25.99 19.02 -23.13
CA VAL K 120 -25.91 20.43 -22.78
C VAL K 120 -27.32 20.95 -22.50
N GLN K 121 -27.46 21.71 -21.41
CA GLN K 121 -28.77 22.24 -21.02
C GLN K 121 -29.18 23.41 -21.90
N GLN K 122 -29.73 23.12 -23.07
CA GLN K 122 -30.31 24.17 -23.90
C GLN K 122 -31.72 24.50 -23.44
N PRO K 123 -32.16 25.74 -23.62
CA PRO K 123 -33.53 26.10 -23.23
C PRO K 123 -34.54 25.62 -24.26
N SER K 124 -35.59 24.96 -23.78
CA SER K 124 -36.66 24.46 -24.64
C SER K 124 -35.92 23.88 -25.82
N ASP K 125 -36.21 24.36 -27.03
CA ASP K 125 -35.86 23.72 -28.30
C ASP K 125 -34.67 24.40 -28.97
N GLU K 126 -33.89 25.16 -28.21
CA GLU K 126 -32.76 25.90 -28.75
C GLU K 126 -31.46 25.14 -28.46
N ASN K 127 -31.24 24.07 -29.23
CA ASN K 127 -30.01 23.29 -29.16
C ASN K 127 -29.06 23.82 -30.21
N TRP K 128 -28.47 24.98 -29.93
CA TRP K 128 -27.59 25.64 -30.89
C TRP K 128 -26.25 24.92 -30.97
N ASP K 129 -25.31 25.50 -31.71
CA ASP K 129 -24.00 24.92 -31.95
C ASP K 129 -22.91 25.83 -31.38
N LEU K 130 -21.65 25.51 -31.71
CA LEU K 130 -20.53 26.28 -31.22
C LEU K 130 -20.69 27.76 -31.50
N THR K 131 -21.03 28.11 -32.74
CA THR K 131 -21.18 29.51 -33.10
C THR K 131 -22.34 30.19 -32.36
N GLY K 132 -23.25 29.41 -31.80
CA GLY K 132 -24.33 29.95 -30.99
C GLY K 132 -25.51 30.51 -31.76
N THR K 133 -25.57 30.32 -33.08
CA THR K 133 -26.68 30.83 -33.87
C THR K 133 -27.14 29.84 -34.94
N ARG K 134 -27.01 28.54 -34.68
CA ARG K 134 -27.44 27.53 -35.63
C ARG K 134 -28.09 26.37 -34.89
N GLN K 135 -29.00 25.67 -35.57
CA GLN K 135 -29.70 24.51 -35.04
C GLN K 135 -29.37 23.33 -35.96
N ILE K 136 -28.22 22.71 -35.70
CA ILE K 136 -27.79 21.56 -36.56
C ILE K 136 -28.48 20.29 -36.06
N TRP K 137 -28.79 19.38 -36.99
CA TRP K 137 -29.42 18.10 -36.63
C TRP K 137 -28.62 17.31 -35.62
N PRO K 138 -27.30 17.13 -35.77
CA PRO K 138 -26.56 16.34 -34.79
C PRO K 138 -26.73 16.91 -33.40
N CYS K 139 -26.85 16.03 -32.42
CA CYS K 139 -27.08 16.42 -31.03
C CYS K 139 -26.03 15.78 -30.15
N GLU K 140 -25.83 16.37 -28.98
CA GLU K 140 -24.90 15.81 -28.01
C GLU K 140 -25.48 14.54 -27.40
N SER K 141 -24.79 13.42 -27.60
CA SER K 141 -25.23 12.14 -27.04
C SER K 141 -23.96 11.32 -26.77
N SER K 142 -23.48 11.39 -25.53
CA SER K 142 -22.27 10.71 -25.11
C SER K 142 -22.58 9.74 -23.98
N ARG K 143 -22.01 8.55 -24.04
CA ARG K 143 -22.23 7.55 -23.02
C ARG K 143 -21.54 7.92 -21.71
N SER K 144 -22.07 7.38 -20.62
CA SER K 144 -21.45 7.50 -19.31
C SER K 144 -22.26 6.71 -18.29
N HIS K 145 -21.64 6.33 -17.18
CA HIS K 145 -22.36 5.60 -16.15
C HIS K 145 -21.60 5.73 -14.83
N THR K 146 -22.30 5.41 -13.75
CA THR K 146 -21.75 5.41 -12.40
C THR K 146 -22.76 4.70 -11.51
N THR K 147 -22.53 4.76 -10.20
CA THR K 147 -23.49 4.20 -9.26
C THR K 147 -24.81 4.96 -9.33
N ILE K 148 -25.90 4.26 -8.99
CA ILE K 148 -27.22 4.89 -9.04
C ILE K 148 -27.25 6.09 -8.09
N ALA K 149 -26.76 5.91 -6.87
CA ALA K 149 -26.80 6.99 -5.89
C ALA K 149 -26.03 8.21 -6.37
N LYS K 150 -25.01 8.00 -7.21
CA LYS K 150 -24.29 9.13 -7.78
C LYS K 150 -25.22 9.98 -8.64
N TYR K 151 -25.95 9.35 -9.56
CA TYR K 151 -26.90 10.10 -10.38
C TYR K 151 -28.03 10.67 -9.54
N ALA K 152 -28.46 9.95 -8.51
CA ALA K 152 -29.49 10.48 -7.62
C ALA K 152 -29.01 11.75 -6.95
N GLN K 153 -27.78 11.73 -6.43
CA GLN K 153 -27.20 12.93 -5.82
C GLN K 153 -27.13 14.07 -6.83
N TYR K 154 -26.61 13.77 -8.03
CA TYR K 154 -26.47 14.83 -9.03
C TYR K 154 -27.82 15.45 -9.37
N GLN K 155 -28.82 14.60 -9.63
CA GLN K 155 -30.11 15.11 -10.08
C GLN K 155 -30.83 15.85 -8.97
N ALA K 156 -30.78 15.32 -7.74
CA ALA K 156 -31.40 16.01 -6.62
C ALA K 156 -30.74 17.36 -6.37
N SER K 157 -29.41 17.40 -6.45
CA SER K 157 -28.69 18.66 -6.22
C SER K 157 -29.01 19.68 -7.30
N SER K 158 -28.91 19.27 -8.57
CA SER K 158 -29.31 20.17 -9.66
C SER K 158 -30.77 20.56 -9.54
N PHE K 159 -31.54 19.76 -8.79
CA PHE K 159 -32.97 20.12 -8.53
C PHE K 159 -33.02 21.43 -7.73
N GLN K 160 -34.22 21.97 -7.47
CA GLN K 160 -34.32 23.30 -6.82
C GLN K 160 -33.30 24.21 -7.52
N GLU K 161 -32.93 23.85 -8.76
CA GLU K 161 -32.00 24.64 -9.56
C GLU K 161 -30.64 24.74 -8.87
N SER K 162 -30.16 23.60 -8.39
CA SER K 162 -28.88 23.52 -7.69
C SER K 162 -28.88 24.43 -6.46
N LEU K 163 -29.76 24.10 -5.50
CA LEU K 163 -29.88 24.87 -4.28
C LEU K 163 -30.27 26.31 -4.58
N GLN K 164 -31.45 26.49 -5.18
CA GLN K 164 -31.95 27.80 -5.59
C GLN K 164 -30.89 28.56 -6.39
N ASN K 193 -28.53 29.23 -23.20
CA ASN K 193 -28.57 29.13 -21.71
C ASN K 193 -27.17 28.88 -21.17
N HIS K 194 -27.00 28.82 -19.85
CA HIS K 194 -25.68 28.47 -19.26
C HIS K 194 -25.87 27.33 -18.26
N HIS K 195 -25.47 26.10 -18.62
CA HIS K 195 -25.66 24.92 -17.72
C HIS K 195 -25.27 23.66 -18.48
N ILE K 196 -25.04 22.56 -17.76
CA ILE K 196 -24.68 21.24 -18.38
C ILE K 196 -25.57 20.23 -17.64
N ILE K 197 -25.95 19.10 -18.26
CA ILE K 197 -26.92 18.20 -17.55
C ILE K 197 -26.71 16.70 -17.84
N LYS K 198 -26.36 15.94 -16.80
CA LYS K 198 -26.30 14.49 -16.96
C LYS K 198 -27.71 13.93 -17.10
N PHE K 199 -27.85 12.92 -17.95
CA PHE K 199 -29.13 12.46 -18.46
C PHE K 199 -29.30 10.97 -18.15
N GLY K 200 -30.05 10.66 -17.09
CA GLY K 200 -30.35 9.29 -16.76
C GLY K 200 -31.13 8.58 -17.84
N THR K 201 -30.63 7.42 -18.28
CA THR K 201 -31.24 6.69 -19.37
C THR K 201 -31.17 5.19 -19.10
N ASN K 202 -32.25 4.50 -19.45
CA ASN K 202 -32.29 3.04 -19.48
C ASN K 202 -31.62 2.42 -18.25
N ILE K 203 -32.21 2.72 -17.10
CA ILE K 203 -31.75 2.19 -15.82
C ILE K 203 -32.48 0.86 -15.59
N ASP K 204 -31.72 -0.23 -15.59
CA ASP K 204 -32.32 -1.56 -15.56
C ASP K 204 -33.21 -1.74 -14.34
N LEU K 205 -34.37 -2.36 -14.57
CA LEU K 205 -35.33 -2.67 -13.52
C LEU K 205 -35.89 -4.08 -13.69
N SER K 206 -35.07 -4.99 -14.24
CA SER K 206 -35.53 -6.34 -14.53
C SER K 206 -35.74 -7.18 -13.28
N ASP K 207 -35.33 -6.69 -12.11
CA ASP K 207 -35.54 -7.39 -10.85
C ASP K 207 -36.72 -6.77 -10.12
N ALA K 208 -37.59 -7.62 -9.59
CA ALA K 208 -38.77 -7.17 -8.86
C ALA K 208 -38.58 -7.22 -7.35
N LYS K 209 -37.37 -7.53 -6.88
CA LYS K 209 -37.13 -7.60 -5.43
C LYS K 209 -36.86 -6.22 -4.85
N ARG K 210 -35.79 -5.57 -5.32
CA ARG K 210 -35.43 -4.26 -4.78
C ARG K 210 -36.46 -3.20 -5.16
N TRP K 211 -37.23 -3.45 -6.22
CA TRP K 211 -38.28 -2.53 -6.66
C TRP K 211 -39.66 -3.13 -6.47
N LYS K 212 -39.83 -4.01 -5.49
CA LYS K 212 -41.04 -4.81 -5.38
C LYS K 212 -42.31 -3.98 -5.36
N PRO K 213 -42.44 -2.92 -4.57
CA PRO K 213 -43.68 -2.13 -4.64
C PRO K 213 -43.98 -1.63 -6.04
N GLN K 214 -42.94 -1.17 -6.71
CA GLN K 214 -43.12 -0.64 -8.08
C GLN K 214 -43.76 -1.70 -8.97
N LEU K 215 -43.04 -2.77 -9.29
CA LEU K 215 -43.53 -3.74 -10.25
C LEU K 215 -44.81 -4.40 -9.76
N GLN K 216 -44.94 -4.63 -8.45
CA GLN K 216 -46.14 -5.24 -7.92
C GLN K 216 -47.37 -4.36 -8.19
N GLU K 217 -47.29 -3.08 -7.85
CA GLU K 217 -48.39 -2.16 -8.11
C GLU K 217 -48.53 -1.84 -9.59
N LEU K 218 -47.56 -2.22 -10.41
CA LEU K 218 -47.59 -1.96 -11.85
C LEU K 218 -48.29 -3.07 -12.62
N LEU K 219 -49.24 -3.77 -11.98
CA LEU K 219 -50.05 -4.77 -12.64
C LEU K 219 -51.54 -4.50 -12.58
N LYS K 220 -51.97 -3.37 -12.03
CA LYS K 220 -53.39 -3.07 -11.88
C LYS K 220 -53.97 -2.52 -13.18
N LEU K 221 -53.20 -2.60 -14.25
CA LEU K 221 -53.58 -2.07 -15.56
C LEU K 221 -53.76 -3.23 -16.54
N PRO K 222 -54.27 -2.94 -17.74
CA PRO K 222 -54.53 -4.02 -18.69
C PRO K 222 -53.25 -4.71 -19.12
N ALA K 223 -53.41 -5.94 -19.61
CA ALA K 223 -52.25 -6.72 -20.03
C ALA K 223 -51.49 -6.04 -21.16
N PHE K 224 -52.22 -5.52 -22.15
CA PHE K 224 -51.57 -4.84 -23.28
C PHE K 224 -50.83 -3.59 -22.85
N MET K 225 -51.41 -2.78 -21.97
CA MET K 225 -50.59 -1.75 -21.33
C MET K 225 -49.69 -2.29 -20.23
N ARG K 226 -49.76 -3.60 -19.97
CA ARG K 226 -48.92 -4.21 -18.90
C ARG K 226 -47.54 -4.56 -19.46
N VAL K 227 -46.54 -4.66 -18.58
CA VAL K 227 -45.15 -5.04 -18.98
C VAL K 227 -45.22 -6.08 -20.10
N THR K 228 -45.81 -7.25 -19.81
CA THR K 228 -45.91 -8.34 -20.82
C THR K 228 -47.00 -9.33 -20.41
N SER K 229 -47.80 -9.80 -21.37
CA SER K 229 -48.87 -10.80 -21.09
C SER K 229 -49.36 -11.38 -22.41
N THR K 230 -50.40 -12.23 -22.39
CA THR K 230 -50.84 -12.86 -23.64
C THR K 230 -51.30 -11.82 -24.65
N GLY K 231 -51.67 -10.62 -24.20
CA GLY K 231 -51.95 -9.51 -25.07
C GLY K 231 -50.73 -8.69 -25.44
N ASN K 232 -49.55 -9.12 -24.99
CA ASN K 232 -48.29 -8.43 -25.28
C ASN K 232 -47.28 -9.47 -25.74
N MET K 233 -46.87 -9.40 -27.00
CA MET K 233 -46.04 -10.45 -27.58
C MET K 233 -44.67 -10.55 -26.91
N LEU K 234 -44.24 -9.51 -26.21
CA LEU K 234 -42.92 -9.55 -25.57
C LEU K 234 -42.82 -10.70 -24.57
N SER K 235 -43.92 -11.04 -23.90
CA SER K 235 -43.93 -12.20 -22.95
C SER K 235 -43.53 -13.46 -23.67
N HIS K 236 -43.92 -13.54 -24.92
CA HIS K 236 -43.77 -14.79 -25.66
C HIS K 236 -42.39 -15.00 -26.24
N VAL K 237 -41.46 -14.07 -26.01
CA VAL K 237 -40.11 -14.20 -26.56
C VAL K 237 -39.19 -14.98 -25.63
N GLY K 238 -39.67 -15.36 -24.45
CA GLY K 238 -38.85 -16.12 -23.52
C GLY K 238 -37.61 -15.40 -23.07
N HIS K 239 -37.54 -14.08 -23.24
CA HIS K 239 -36.38 -13.30 -22.87
C HIS K 239 -36.81 -12.11 -22.02
N THR K 240 -35.82 -11.38 -21.53
CA THR K 240 -36.02 -10.23 -20.65
C THR K 240 -35.30 -9.03 -21.25
N ILE K 241 -35.57 -8.76 -22.53
CA ILE K 241 -34.88 -7.70 -23.24
C ILE K 241 -34.89 -6.45 -22.39
N LEU K 242 -33.70 -5.99 -22.00
CA LEU K 242 -33.60 -4.79 -21.18
C LEU K 242 -34.12 -3.59 -21.95
N GLY K 243 -34.92 -2.77 -21.28
CA GLY K 243 -35.51 -1.61 -21.92
C GLY K 243 -36.50 -1.95 -23.01
N MET K 244 -36.82 -3.22 -23.20
CA MET K 244 -37.73 -3.64 -24.26
C MET K 244 -38.99 -4.29 -23.70
N ASN K 245 -38.84 -5.35 -22.90
CA ASN K 245 -39.98 -6.06 -22.33
C ASN K 245 -40.09 -5.92 -20.82
N THR K 246 -39.06 -5.43 -20.16
CA THR K 246 -39.10 -5.14 -18.73
C THR K 246 -39.02 -3.63 -18.56
N VAL K 247 -40.04 -3.05 -17.93
CA VAL K 247 -40.18 -1.60 -17.80
C VAL K 247 -38.88 -1.01 -17.29
N GLN K 248 -38.53 0.18 -17.75
CA GLN K 248 -37.31 0.84 -17.32
C GLN K 248 -37.60 2.27 -16.88
N LEU K 249 -36.97 2.65 -15.77
CA LEU K 249 -37.16 4.02 -15.24
C LEU K 249 -35.90 4.83 -15.52
N TYR K 250 -36.05 6.04 -16.02
CA TYR K 250 -34.96 6.95 -16.36
C TYR K 250 -35.24 8.31 -15.75
N MET K 251 -34.34 8.77 -14.88
CA MET K 251 -34.46 10.07 -14.24
C MET K 251 -33.72 11.11 -15.05
N LYS K 252 -34.20 12.36 -14.98
CA LYS K 252 -33.61 13.44 -15.78
C LYS K 252 -33.94 14.78 -15.12
N VAL K 253 -33.18 15.79 -15.54
CA VAL K 253 -33.32 17.14 -15.00
C VAL K 253 -34.03 18.01 -16.04
N PRO K 254 -34.46 19.22 -15.70
CA PRO K 254 -35.12 20.07 -16.69
C PRO K 254 -34.25 20.28 -17.92
N GLY K 255 -34.88 20.18 -19.09
CA GLY K 255 -34.17 20.28 -20.35
C GLY K 255 -33.62 18.96 -20.86
N SER K 256 -33.71 17.88 -20.07
CA SER K 256 -33.18 16.60 -20.50
C SER K 256 -33.80 16.19 -21.83
N ARG K 257 -32.98 15.68 -22.72
CA ARG K 257 -33.41 15.42 -24.10
C ARG K 257 -32.93 14.05 -24.54
N THR K 258 -33.88 13.20 -24.94
CA THR K 258 -33.54 11.95 -25.61
C THR K 258 -33.71 12.17 -27.11
N PRO K 259 -32.64 12.11 -27.91
CA PRO K 259 -32.78 12.46 -29.32
C PRO K 259 -33.88 11.67 -29.99
N GLY K 260 -34.48 12.27 -31.01
CA GLY K 260 -35.58 11.64 -31.72
C GLY K 260 -35.26 10.23 -32.12
N HIS K 261 -36.30 9.40 -32.29
CA HIS K 261 -36.09 8.01 -32.68
C HIS K 261 -37.45 7.35 -32.83
N GLN K 262 -37.42 6.13 -33.36
CA GLN K 262 -38.54 5.21 -33.33
C GLN K 262 -38.13 4.02 -32.48
N GLU K 263 -38.99 3.64 -31.53
CA GLU K 263 -38.66 2.54 -30.64
C GLU K 263 -38.25 1.32 -31.46
N ASN K 264 -37.14 0.71 -31.07
CA ASN K 264 -36.56 -0.35 -31.87
C ASN K 264 -37.60 -1.44 -32.16
N ASN K 265 -37.73 -1.80 -33.42
CA ASN K 265 -38.70 -2.75 -33.94
C ASN K 265 -40.09 -2.12 -34.09
N ASN K 266 -40.27 -0.85 -33.74
CA ASN K 266 -41.47 -0.10 -34.03
C ASN K 266 -42.66 -0.54 -33.17
N PHE K 267 -42.39 -0.99 -31.95
CA PHE K 267 -43.45 -1.39 -31.03
C PHE K 267 -44.29 -0.19 -30.61
N CYS K 268 -45.35 -0.46 -29.86
CA CYS K 268 -46.07 0.58 -29.16
C CYS K 268 -45.39 0.84 -27.84
N SER K 269 -45.43 2.10 -27.37
CA SER K 269 -44.71 2.45 -26.13
C SER K 269 -45.69 2.91 -25.05
N VAL K 270 -45.46 2.51 -23.79
CA VAL K 270 -46.32 2.95 -22.66
C VAL K 270 -45.47 3.84 -21.73
N ASN K 271 -45.69 5.15 -21.76
CA ASN K 271 -44.76 6.04 -21.00
C ASN K 271 -45.50 6.79 -19.89
N ILE K 272 -44.99 6.69 -18.67
CA ILE K 272 -45.59 7.33 -17.49
C ILE K 272 -44.52 8.16 -16.78
N ASN K 273 -44.58 9.47 -16.95
CA ASN K 273 -43.63 10.34 -16.24
C ASN K 273 -44.14 10.50 -14.82
N ILE K 274 -43.52 9.76 -13.89
CA ILE K 274 -43.99 9.84 -12.51
C ILE K 274 -43.74 11.22 -11.93
N GLY K 275 -43.08 12.09 -12.67
CA GLY K 275 -42.85 13.45 -12.25
C GLY K 275 -41.90 13.53 -11.06
N PRO K 276 -42.00 14.63 -10.31
CA PRO K 276 -42.94 15.75 -10.49
C PRO K 276 -42.63 16.58 -11.75
N GLY K 277 -41.68 16.15 -12.57
CA GLY K 277 -41.35 16.90 -13.77
C GLY K 277 -42.41 16.79 -14.86
N ASP K 278 -42.26 17.64 -15.87
CA ASP K 278 -43.11 17.65 -17.05
C ASP K 278 -42.27 17.25 -18.27
N CYS K 279 -42.89 17.28 -19.45
CA CYS K 279 -42.22 16.84 -20.66
C CYS K 279 -42.77 17.56 -21.88
N GLU K 280 -41.88 18.16 -22.67
CA GLU K 280 -42.22 18.60 -24.01
C GLU K 280 -42.00 17.47 -25.00
N TRP K 281 -42.85 17.41 -26.01
CA TRP K 281 -42.84 16.29 -26.95
C TRP K 281 -42.84 16.77 -28.39
N PHE K 282 -42.40 15.86 -29.26
CA PHE K 282 -42.47 16.04 -30.71
C PHE K 282 -42.76 14.67 -31.30
N ALA K 283 -44.04 14.39 -31.53
CA ALA K 283 -44.46 13.12 -32.10
C ALA K 283 -44.61 13.26 -33.62
N VAL K 284 -44.32 12.18 -34.33
CA VAL K 284 -44.46 12.12 -35.78
C VAL K 284 -44.95 10.72 -36.15
N HIS K 285 -45.88 10.65 -37.09
CA HIS K 285 -46.42 9.36 -37.48
C HIS K 285 -45.41 8.58 -38.32
N GLU K 286 -45.68 7.29 -38.51
CA GLU K 286 -44.69 6.41 -39.11
C GLU K 286 -44.46 6.71 -40.58
N HIS K 287 -45.45 7.25 -41.28
CA HIS K 287 -45.29 7.55 -42.69
C HIS K 287 -44.04 8.37 -42.95
N TYR K 288 -43.83 9.41 -42.15
CA TYR K 288 -42.73 10.34 -42.34
C TYR K 288 -41.38 9.75 -41.91
N TRP K 289 -41.31 8.45 -41.64
CA TRP K 289 -40.07 7.90 -41.09
C TRP K 289 -38.91 8.08 -42.06
N GLU K 290 -39.07 7.64 -43.31
CA GLU K 290 -38.02 7.87 -44.30
C GLU K 290 -37.79 9.35 -44.51
N THR K 291 -38.79 10.18 -44.22
CA THR K 291 -38.58 11.62 -44.25
C THR K 291 -37.39 12.02 -43.40
N ILE K 292 -37.28 11.46 -42.19
CA ILE K 292 -36.07 11.64 -41.40
C ILE K 292 -34.84 11.33 -42.26
N SER K 293 -34.79 10.10 -42.78
CA SER K 293 -33.70 9.71 -43.67
C SER K 293 -33.40 10.80 -44.69
N ALA K 294 -34.45 11.39 -45.28
CA ALA K 294 -34.23 12.45 -46.25
C ALA K 294 -33.29 13.51 -45.71
N PHE K 295 -33.70 14.21 -44.65
CA PHE K 295 -32.82 15.22 -44.09
C PHE K 295 -31.63 14.60 -43.39
N CYS K 296 -31.70 13.30 -43.08
CA CYS K 296 -30.50 12.61 -42.63
C CYS K 296 -29.36 12.85 -43.60
N ASP K 297 -29.69 12.91 -44.89
CA ASP K 297 -28.65 13.19 -45.91
C ASP K 297 -28.37 14.70 -45.90
N ARG K 298 -29.42 15.51 -45.79
CA ARG K 298 -29.25 16.95 -45.90
C ARG K 298 -28.40 17.49 -44.74
N HIS K 299 -28.74 17.13 -43.51
CA HIS K 299 -28.01 17.56 -42.33
C HIS K 299 -27.02 16.52 -41.85
N GLY K 300 -26.76 15.48 -42.64
CA GLY K 300 -25.73 14.51 -42.35
C GLY K 300 -26.05 13.51 -41.27
N VAL K 301 -27.01 13.84 -40.41
CA VAL K 301 -27.24 12.87 -39.31
C VAL K 301 -27.86 11.61 -39.90
N ASP K 302 -27.94 10.57 -39.10
CA ASP K 302 -28.58 9.32 -39.49
C ASP K 302 -29.88 9.14 -38.72
N TYR K 303 -30.73 8.28 -39.26
CA TYR K 303 -32.05 8.02 -38.70
C TYR K 303 -32.04 6.97 -37.61
N LEU K 304 -31.07 6.05 -37.63
CA LEU K 304 -31.01 4.95 -36.69
C LEU K 304 -29.70 4.99 -35.92
N THR K 305 -29.79 4.80 -34.60
CA THR K 305 -28.63 4.63 -33.74
C THR K 305 -27.73 5.85 -33.72
N GLY K 306 -28.15 6.92 -34.39
CA GLY K 306 -27.40 8.17 -34.41
C GLY K 306 -27.74 9.07 -33.25
N SER K 307 -27.31 10.32 -33.36
CA SER K 307 -27.63 11.34 -32.38
C SER K 307 -28.11 12.59 -33.11
N TRP K 308 -29.26 13.10 -32.72
CA TRP K 308 -29.85 14.24 -33.41
C TRP K 308 -31.06 14.73 -32.62
N TRP K 309 -31.21 16.05 -32.57
CA TRP K 309 -32.40 16.68 -32.01
C TRP K 309 -33.01 17.59 -33.07
N PRO K 310 -34.09 17.15 -33.73
CA PRO K 310 -34.65 17.95 -34.82
C PRO K 310 -35.11 19.31 -34.36
N ILE K 311 -35.44 20.15 -35.34
CA ILE K 311 -36.08 21.44 -35.12
C ILE K 311 -37.17 21.58 -36.16
N LEU K 312 -38.18 22.38 -35.85
CA LEU K 312 -39.38 22.43 -36.68
C LEU K 312 -39.01 22.66 -38.14
N ASP K 313 -38.14 23.63 -38.42
CA ASP K 313 -37.75 23.90 -39.79
C ASP K 313 -36.94 22.76 -40.40
N ASP K 314 -36.18 22.04 -39.57
CA ASP K 314 -35.35 20.95 -40.07
C ASP K 314 -36.17 19.99 -40.93
N LEU K 315 -37.20 19.39 -40.35
CA LEU K 315 -38.15 18.58 -41.11
C LEU K 315 -39.24 19.42 -41.75
N TYR K 316 -39.17 20.74 -41.63
CA TYR K 316 -40.16 21.60 -42.28
C TYR K 316 -40.09 21.47 -43.79
N ALA K 317 -38.88 21.45 -44.35
CA ALA K 317 -38.73 21.09 -45.76
C ALA K 317 -39.15 19.65 -46.01
N SER K 318 -39.20 18.84 -44.96
CA SER K 318 -39.85 17.54 -45.00
C SER K 318 -41.35 17.64 -44.82
N ASN K 319 -41.85 18.79 -44.36
CA ASN K 319 -43.28 19.00 -44.14
C ASN K 319 -43.84 17.91 -43.22
N ILE K 320 -43.10 17.59 -42.18
CA ILE K 320 -43.52 16.61 -41.18
C ILE K 320 -44.25 17.36 -40.06
N PRO K 321 -45.52 17.06 -39.80
CA PRO K 321 -46.22 17.73 -38.71
C PRO K 321 -45.56 17.43 -37.37
N VAL K 322 -46.04 18.14 -36.35
CA VAL K 322 -45.46 18.06 -35.01
C VAL K 322 -46.58 18.01 -33.98
N TYR K 323 -46.82 16.83 -33.41
CA TYR K 323 -47.81 16.66 -32.36
C TYR K 323 -47.21 17.11 -31.03
N ARG K 324 -47.03 18.43 -30.92
CA ARG K 324 -46.48 19.00 -29.69
C ARG K 324 -47.48 18.92 -28.55
N PHE K 325 -47.09 18.25 -27.48
CA PHE K 325 -47.82 18.33 -26.21
C PHE K 325 -46.90 17.80 -25.12
N VAL K 326 -47.46 17.66 -23.93
CA VAL K 326 -46.71 17.46 -22.69
C VAL K 326 -47.49 16.47 -21.83
N GLN K 327 -46.96 16.21 -20.63
CA GLN K 327 -47.75 15.53 -19.60
C GLN K 327 -47.49 16.21 -18.27
N ARG K 328 -47.77 15.50 -17.19
CA ARG K 328 -47.57 16.04 -15.86
C ARG K 328 -47.48 14.88 -14.87
N PRO K 329 -46.92 15.12 -13.69
CA PRO K 329 -46.78 14.06 -12.69
C PRO K 329 -48.00 13.16 -12.59
N GLY K 330 -47.81 11.87 -12.81
CA GLY K 330 -48.85 10.88 -12.64
C GLY K 330 -49.55 10.47 -13.92
N ASP K 331 -49.36 11.20 -15.01
CA ASP K 331 -50.10 10.93 -16.23
C ASP K 331 -49.63 9.62 -16.87
N LEU K 332 -50.28 9.26 -17.97
CA LEU K 332 -49.84 8.16 -18.81
C LEU K 332 -50.04 8.53 -20.26
N VAL K 333 -49.27 7.91 -21.15
CA VAL K 333 -49.41 8.16 -22.57
C VAL K 333 -49.01 6.92 -23.35
N TRP K 334 -49.66 6.72 -24.49
CA TRP K 334 -49.36 5.63 -25.41
C TRP K 334 -48.80 6.24 -26.68
N ILE K 335 -47.49 6.00 -26.87
CA ILE K 335 -46.78 6.43 -28.10
C ILE K 335 -47.05 5.29 -29.10
N ASN K 336 -47.86 5.56 -30.13
CA ASN K 336 -48.26 4.48 -31.02
C ASN K 336 -47.08 3.97 -31.84
N ALA K 337 -47.09 2.67 -32.11
CA ALA K 337 -46.03 2.05 -32.89
C ALA K 337 -45.86 2.77 -34.22
N GLY K 338 -44.64 3.23 -34.49
CA GLY K 338 -44.34 3.99 -35.68
C GLY K 338 -44.25 5.49 -35.46
N THR K 339 -44.39 5.97 -34.23
CA THR K 339 -44.30 7.39 -33.94
C THR K 339 -42.86 7.74 -33.58
N VAL K 340 -42.15 8.40 -34.51
CA VAL K 340 -40.74 8.85 -34.22
C VAL K 340 -40.86 10.07 -33.29
N HIS K 341 -40.50 9.92 -32.03
CA HIS K 341 -40.75 11.03 -31.08
C HIS K 341 -39.46 11.59 -30.49
N TRP K 342 -39.37 12.91 -30.29
CA TRP K 342 -38.20 13.49 -29.56
C TRP K 342 -38.72 14.22 -28.33
N VAL K 343 -38.30 13.79 -27.13
CA VAL K 343 -38.84 14.32 -25.89
C VAL K 343 -37.77 15.13 -25.17
N GLN K 344 -38.24 16.09 -24.37
CA GLN K 344 -37.37 16.86 -23.49
C GLN K 344 -38.06 17.04 -22.16
N ALA K 345 -37.50 16.46 -21.10
CA ALA K 345 -38.05 16.66 -19.77
C ALA K 345 -37.71 18.06 -19.27
N THR K 346 -38.61 19.01 -19.49
CA THR K 346 -38.33 20.41 -19.18
C THR K 346 -38.20 20.66 -17.68
N GLY K 347 -38.56 19.69 -16.83
CA GLY K 347 -38.37 19.83 -15.41
C GLY K 347 -37.85 18.54 -14.82
N TRP K 348 -37.25 18.66 -13.64
CA TRP K 348 -36.77 17.48 -12.91
C TRP K 348 -37.86 16.43 -12.84
N CYS K 349 -37.62 15.28 -13.47
CA CYS K 349 -38.66 14.27 -13.59
C CYS K 349 -38.02 12.89 -13.59
N ASN K 350 -38.85 11.86 -13.71
CA ASN K 350 -38.39 10.49 -13.89
C ASN K 350 -39.46 9.70 -14.62
N ASN K 351 -39.09 9.12 -15.75
CA ASN K 351 -40.02 8.39 -16.60
C ASN K 351 -39.98 6.91 -16.25
N ILE K 352 -41.15 6.26 -16.31
CA ILE K 352 -41.25 4.81 -16.36
C ILE K 352 -41.77 4.48 -17.74
N ALA K 353 -40.90 3.96 -18.59
CA ALA K 353 -41.26 3.71 -19.99
C ALA K 353 -40.86 2.28 -20.36
N TRP K 354 -41.68 1.66 -21.18
CA TRP K 354 -41.29 0.40 -21.80
C TRP K 354 -42.12 0.21 -23.06
N ASN K 355 -41.97 -0.95 -23.69
CA ASN K 355 -42.55 -1.17 -25.00
C ASN K 355 -43.34 -2.47 -25.01
N VAL K 356 -44.49 -2.44 -25.69
CA VAL K 356 -45.36 -3.59 -25.84
C VAL K 356 -45.99 -3.54 -27.23
N GLY K 357 -46.36 -4.71 -27.74
CA GLY K 357 -47.19 -4.80 -28.91
C GLY K 357 -48.37 -5.71 -28.68
N PRO K 358 -49.57 -5.15 -28.66
CA PRO K 358 -50.76 -5.99 -28.67
C PRO K 358 -50.82 -6.82 -29.94
N LEU K 359 -51.47 -7.99 -29.84
CA LEU K 359 -51.57 -8.86 -31.00
C LEU K 359 -52.25 -8.19 -32.18
N THR K 360 -52.78 -6.98 -32.00
CA THR K 360 -53.43 -6.23 -33.07
C THR K 360 -52.64 -6.32 -34.37
N ALA K 361 -53.37 -6.37 -35.48
CA ALA K 361 -52.75 -6.60 -36.78
C ALA K 361 -51.76 -5.48 -37.14
N TYR K 362 -52.20 -4.23 -37.01
CA TYR K 362 -51.36 -3.11 -37.41
C TYR K 362 -50.00 -3.14 -36.72
N GLN K 363 -49.97 -3.56 -35.46
CA GLN K 363 -48.72 -3.57 -34.70
C GLN K 363 -47.66 -4.42 -35.39
N TYR K 364 -48.01 -5.65 -35.75
CA TYR K 364 -47.02 -6.57 -36.30
C TYR K 364 -46.43 -6.04 -37.59
N GLN K 365 -47.27 -5.52 -38.48
CA GLN K 365 -46.77 -5.05 -39.77
C GLN K 365 -45.95 -3.77 -39.58
N LEU K 366 -46.44 -2.83 -38.77
CA LEU K 366 -45.66 -1.62 -38.52
C LEU K 366 -44.32 -1.97 -37.89
N ALA K 367 -44.24 -3.12 -37.21
CA ALA K 367 -43.00 -3.48 -36.52
C ALA K 367 -42.00 -4.17 -37.46
N LEU K 368 -42.46 -5.15 -38.24
CA LEU K 368 -41.53 -5.97 -39.01
C LEU K 368 -40.72 -5.16 -40.02
N GLU K 369 -41.18 -3.95 -40.36
CA GLU K 369 -40.40 -3.11 -41.26
C GLU K 369 -39.03 -2.83 -40.68
N ARG K 370 -38.98 -2.50 -39.39
CA ARG K 370 -37.69 -2.24 -38.74
C ARG K 370 -36.81 -3.48 -38.71
N TYR K 371 -37.42 -4.65 -38.49
CA TYR K 371 -36.64 -5.89 -38.51
C TYR K 371 -35.97 -6.09 -39.87
N GLU K 372 -36.74 -5.92 -40.95
CA GLU K 372 -36.17 -6.07 -42.28
C GLU K 372 -35.08 -5.03 -42.53
N TRP K 373 -35.38 -3.79 -42.17
CA TRP K 373 -34.40 -2.69 -42.30
C TRP K 373 -33.10 -3.15 -41.67
N ASN K 374 -33.16 -3.50 -40.39
CA ASN K 374 -31.96 -3.89 -39.65
C ASN K 374 -31.25 -5.04 -40.33
N GLU K 375 -32.00 -6.03 -40.82
CA GLU K 375 -31.35 -7.18 -41.46
C GLU K 375 -30.54 -6.74 -42.67
N VAL K 376 -31.09 -5.86 -43.50
CA VAL K 376 -30.34 -5.38 -44.66
C VAL K 376 -29.43 -4.21 -44.35
N LYS K 377 -29.67 -3.52 -43.23
CA LYS K 377 -28.79 -2.38 -42.85
C LYS K 377 -27.74 -2.84 -41.83
N ASN K 378 -27.55 -4.16 -41.66
CA ASN K 378 -26.62 -4.63 -40.64
C ASN K 378 -26.86 -3.93 -39.31
N VAL K 379 -28.01 -3.29 -39.17
CA VAL K 379 -28.37 -2.56 -37.96
C VAL K 379 -28.81 -3.55 -36.89
N LYS K 380 -28.41 -3.28 -35.65
CA LYS K 380 -28.78 -4.16 -34.54
C LYS K 380 -30.24 -3.95 -34.16
N SER K 381 -30.99 -5.05 -34.09
CA SER K 381 -32.35 -5.03 -33.58
C SER K 381 -32.32 -5.36 -32.10
N ILE K 382 -33.50 -5.32 -31.47
CA ILE K 382 -33.61 -5.62 -30.05
C ILE K 382 -34.69 -6.64 -29.74
N VAL K 383 -35.37 -7.18 -30.75
CA VAL K 383 -36.38 -8.22 -30.52
C VAL K 383 -36.36 -9.18 -31.70
N PRO K 384 -36.19 -10.48 -31.46
CA PRO K 384 -36.17 -11.45 -32.56
C PRO K 384 -37.59 -11.73 -33.04
N MET K 385 -37.94 -11.18 -34.20
CA MET K 385 -39.29 -11.39 -34.74
C MET K 385 -39.50 -12.84 -35.12
N ILE K 386 -38.49 -13.48 -35.71
CA ILE K 386 -38.62 -14.88 -36.10
C ILE K 386 -39.05 -15.73 -34.90
N HIS K 387 -38.22 -15.71 -33.86
CA HIS K 387 -38.52 -16.51 -32.67
C HIS K 387 -39.81 -16.06 -32.01
N VAL K 388 -40.03 -14.74 -31.95
CA VAL K 388 -41.27 -14.23 -31.35
C VAL K 388 -42.47 -14.70 -32.15
N SER K 389 -42.39 -14.62 -33.47
CA SER K 389 -43.48 -15.12 -34.31
C SER K 389 -43.75 -16.59 -34.01
N TRP K 390 -42.70 -17.37 -33.78
CA TRP K 390 -42.92 -18.79 -33.43
C TRP K 390 -43.73 -19.04 -32.17
N ASN K 391 -43.19 -18.63 -31.01
CA ASN K 391 -43.88 -18.92 -29.72
C ASN K 391 -45.29 -18.31 -29.76
N VAL K 392 -45.43 -17.14 -30.38
CA VAL K 392 -46.81 -16.56 -30.53
C VAL K 392 -47.67 -17.47 -31.42
N ALA K 393 -47.14 -17.87 -32.58
CA ALA K 393 -47.89 -18.80 -33.47
C ALA K 393 -48.00 -20.17 -32.80
N ARG K 394 -47.32 -20.36 -31.66
CA ARG K 394 -47.34 -21.71 -31.03
C ARG K 394 -48.30 -21.73 -29.84
N THR K 395 -48.41 -20.61 -29.13
CA THR K 395 -49.21 -20.56 -27.91
C THR K 395 -49.99 -19.25 -27.81
N VAL K 396 -50.62 -18.87 -28.93
CA VAL K 396 -51.47 -17.63 -28.90
C VAL K 396 -52.75 -17.88 -29.70
N LYS K 397 -53.83 -17.21 -29.31
CA LYS K 397 -55.15 -17.38 -29.97
C LYS K 397 -55.24 -16.46 -31.18
N ILE K 398 -54.41 -16.71 -32.19
CA ILE K 398 -54.44 -15.92 -33.42
C ILE K 398 -55.81 -16.05 -34.04
N SER K 399 -56.56 -14.95 -34.08
CA SER K 399 -57.95 -14.94 -34.51
C SER K 399 -58.20 -13.82 -35.52
N ASP K 400 -57.32 -13.69 -36.51
CA ASP K 400 -57.49 -12.71 -37.57
C ASP K 400 -56.82 -13.24 -38.83
N PRO K 401 -57.53 -13.31 -39.96
CA PRO K 401 -56.90 -13.80 -41.19
C PRO K 401 -55.74 -12.93 -41.66
N ASP K 402 -55.85 -11.62 -41.45
CA ASP K 402 -54.81 -10.70 -41.92
C ASP K 402 -53.47 -11.10 -41.33
N LEU K 403 -53.36 -11.01 -40.00
CA LEU K 403 -52.15 -11.48 -39.33
C LEU K 403 -51.90 -12.95 -39.59
N PHE K 404 -52.96 -13.72 -39.87
CA PHE K 404 -52.78 -15.14 -40.15
C PHE K 404 -51.77 -15.29 -41.28
N LYS K 405 -52.17 -14.87 -42.49
CA LYS K 405 -51.27 -14.96 -43.66
C LYS K 405 -50.00 -14.12 -43.42
N MET K 406 -50.14 -12.96 -42.78
CA MET K 406 -49.00 -12.12 -42.48
C MET K 406 -47.86 -12.94 -41.90
N ILE K 407 -48.12 -13.59 -40.76
CA ILE K 407 -47.12 -14.48 -40.17
C ILE K 407 -46.81 -15.62 -41.13
N LYS K 408 -47.85 -16.28 -41.65
CA LYS K 408 -47.68 -17.44 -42.52
C LYS K 408 -46.52 -17.26 -43.50
N PHE K 409 -46.46 -16.11 -44.17
CA PHE K 409 -45.47 -15.96 -45.23
C PHE K 409 -44.04 -16.09 -44.69
N CYS K 410 -43.70 -15.26 -43.71
CA CYS K 410 -42.32 -15.26 -43.21
C CYS K 410 -42.02 -16.54 -42.45
N LEU K 411 -43.02 -17.15 -41.81
CA LEU K 411 -42.81 -18.45 -41.18
C LEU K 411 -42.49 -19.51 -42.22
N LEU K 412 -43.20 -19.48 -43.36
CA LEU K 412 -42.89 -20.40 -44.45
C LEU K 412 -41.49 -20.17 -44.99
N GLN K 413 -41.09 -18.90 -45.10
CA GLN K 413 -39.73 -18.59 -45.53
C GLN K 413 -38.71 -19.11 -44.53
N SER K 414 -39.00 -18.99 -43.24
CA SER K 414 -38.11 -19.56 -42.22
C SER K 414 -37.97 -21.06 -42.39
N MET K 415 -39.10 -21.74 -42.58
CA MET K 415 -39.08 -23.18 -42.82
C MET K 415 -38.22 -23.51 -44.03
N LYS K 416 -38.42 -22.77 -45.13
CA LYS K 416 -37.70 -23.05 -46.37
C LYS K 416 -36.20 -22.84 -46.20
N HIS K 417 -35.80 -21.75 -45.52
CA HIS K 417 -34.38 -21.48 -45.42
C HIS K 417 -33.70 -22.43 -44.46
N CYS K 418 -34.35 -22.79 -43.36
CA CYS K 418 -33.80 -23.81 -42.48
C CYS K 418 -33.68 -25.13 -43.22
N GLN K 419 -34.70 -25.48 -44.00
CA GLN K 419 -34.65 -26.65 -44.86
C GLN K 419 -33.41 -26.63 -45.72
N VAL K 420 -33.23 -25.57 -46.50
CA VAL K 420 -32.11 -25.51 -47.44
C VAL K 420 -30.78 -25.56 -46.70
N GLN K 421 -30.68 -24.83 -45.59
CA GLN K 421 -29.46 -24.85 -44.81
C GLN K 421 -29.08 -26.27 -44.42
N ARG K 422 -29.99 -26.98 -43.74
CA ARG K 422 -29.66 -28.35 -43.38
C ARG K 422 -29.48 -29.24 -44.59
N GLU K 423 -30.20 -28.99 -45.69
CA GLU K 423 -30.11 -29.88 -46.85
C GLU K 423 -28.73 -29.81 -47.48
N SER K 424 -28.31 -28.61 -47.90
CA SER K 424 -26.98 -28.46 -48.45
C SER K 424 -25.90 -28.69 -47.40
N LEU K 425 -26.25 -28.66 -46.11
CA LEU K 425 -25.32 -28.97 -45.02
C LEU K 425 -25.98 -29.94 -44.04
N VAL K 426 -25.92 -31.23 -44.34
CA VAL K 426 -26.23 -32.28 -43.37
C VAL K 426 -25.00 -33.15 -43.20
N ARG K 427 -24.59 -33.83 -44.28
CA ARG K 427 -23.37 -34.62 -44.23
C ARG K 427 -22.19 -33.82 -44.76
N ALA K 428 -22.41 -33.06 -45.84
CA ALA K 428 -21.42 -32.08 -46.25
C ALA K 428 -21.21 -31.03 -45.16
N GLY K 429 -22.18 -30.91 -44.25
CA GLY K 429 -22.02 -30.07 -43.08
C GLY K 429 -21.09 -30.71 -42.08
N LYS K 430 -21.33 -30.45 -40.78
CA LYS K 430 -20.40 -30.96 -39.74
C LYS K 430 -21.16 -31.39 -38.47
N LYS K 431 -21.43 -32.69 -38.32
CA LYS K 431 -22.10 -33.23 -37.11
C LYS K 431 -23.35 -32.41 -36.76
N ILE K 432 -24.40 -32.56 -37.58
CA ILE K 432 -25.66 -31.89 -37.25
C ILE K 432 -26.11 -32.32 -35.87
N ALA K 433 -26.19 -31.37 -34.95
CA ALA K 433 -26.48 -31.63 -33.54
C ALA K 433 -27.89 -31.21 -33.19
N TYR K 434 -28.37 -31.73 -32.06
CA TYR K 434 -29.74 -31.51 -31.59
C TYR K 434 -29.63 -30.98 -30.15
N GLN K 435 -29.52 -29.65 -30.02
CA GLN K 435 -29.34 -29.06 -28.69
C GLN K 435 -30.58 -29.28 -27.82
N GLY K 436 -31.77 -29.01 -28.36
CA GLY K 436 -33.02 -29.25 -27.66
C GLY K 436 -33.76 -28.00 -27.23
N ARG K 437 -33.09 -26.86 -27.13
CA ARG K 437 -33.73 -25.59 -26.79
C ARG K 437 -34.41 -25.66 -25.41
N VAL K 438 -33.56 -25.79 -24.39
CA VAL K 438 -34.03 -25.72 -23.00
C VAL K 438 -34.84 -24.44 -22.82
N LYS K 439 -35.82 -24.48 -21.92
CA LYS K 439 -36.77 -23.39 -21.80
C LYS K 439 -36.06 -22.07 -21.50
N ASP K 440 -36.58 -21.00 -22.09
CA ASP K 440 -36.04 -19.66 -21.92
C ASP K 440 -34.54 -19.62 -22.25
N GLU K 441 -34.19 -20.22 -23.37
CA GLU K 441 -32.86 -20.01 -23.93
C GLU K 441 -32.78 -18.59 -24.47
N PRO K 442 -31.79 -17.79 -24.08
CA PRO K 442 -31.65 -16.46 -24.67
C PRO K 442 -31.51 -16.57 -26.18
N ALA K 443 -32.20 -15.69 -26.89
CA ALA K 443 -32.09 -15.68 -28.35
C ALA K 443 -30.64 -15.48 -28.75
N TYR K 444 -30.12 -16.37 -29.58
CA TYR K 444 -28.71 -16.38 -29.91
C TYR K 444 -28.50 -15.58 -31.20
N TYR K 445 -27.63 -14.58 -31.12
CA TYR K 445 -27.39 -13.66 -32.21
C TYR K 445 -25.95 -13.81 -32.70
N CYS K 446 -25.78 -13.85 -34.01
CA CYS K 446 -24.45 -13.85 -34.58
C CYS K 446 -23.68 -12.62 -34.10
N ASN K 447 -22.37 -12.65 -34.29
CA ASN K 447 -21.55 -11.51 -33.86
C ASN K 447 -20.69 -10.99 -35.01
N GLU K 448 -20.35 -11.86 -35.96
CA GLU K 448 -19.71 -11.40 -37.18
C GLU K 448 -20.68 -10.63 -38.06
N CYS K 449 -21.98 -10.90 -37.93
CA CYS K 449 -23.02 -10.13 -38.59
C CYS K 449 -24.16 -9.72 -37.68
N ASP K 450 -24.34 -10.43 -36.55
CA ASP K 450 -25.37 -10.11 -35.52
C ASP K 450 -26.73 -10.75 -35.88
N VAL K 451 -26.92 -11.15 -37.14
CA VAL K 451 -28.23 -11.66 -37.53
C VAL K 451 -28.66 -12.76 -36.57
N GLU K 452 -29.98 -12.87 -36.38
CA GLU K 452 -30.52 -13.92 -35.53
C GLU K 452 -30.19 -15.28 -36.10
N VAL K 453 -29.82 -16.20 -35.23
CA VAL K 453 -29.61 -17.60 -35.60
C VAL K 453 -30.72 -18.42 -34.96
N PHE K 454 -31.55 -19.05 -35.79
CA PHE K 454 -32.70 -19.79 -35.32
C PHE K 454 -32.51 -21.27 -35.61
N ASN K 455 -32.96 -22.11 -34.68
CA ASN K 455 -32.82 -23.56 -34.81
C ASN K 455 -31.35 -23.93 -34.95
N ILE K 456 -30.88 -24.07 -36.18
CA ILE K 456 -29.49 -24.39 -36.45
C ILE K 456 -28.64 -23.18 -36.10
N LEU K 457 -27.37 -23.44 -35.77
CA LEU K 457 -26.46 -22.33 -35.38
C LEU K 457 -25.01 -22.81 -35.47
N PHE K 458 -24.06 -21.87 -35.36
CA PHE K 458 -22.63 -22.27 -35.37
C PHE K 458 -21.98 -21.77 -34.09
N VAL K 459 -21.99 -22.58 -33.03
CA VAL K 459 -21.43 -22.09 -31.72
C VAL K 459 -20.27 -22.98 -31.26
N THR K 460 -19.09 -22.40 -31.04
CA THR K 460 -17.97 -23.13 -30.48
C THR K 460 -17.27 -22.26 -29.44
N SER K 461 -16.62 -22.92 -28.48
CA SER K 461 -15.85 -22.20 -27.48
C SER K 461 -14.67 -21.52 -28.16
N GLU K 462 -14.76 -20.21 -28.38
CA GLU K 462 -13.73 -19.46 -29.07
C GLU K 462 -12.63 -19.14 -28.06
N ASN K 463 -11.70 -20.08 -27.91
CA ASN K 463 -10.67 -19.97 -26.89
C ASN K 463 -11.29 -19.66 -25.53
N GLY K 464 -10.68 -18.74 -24.79
CA GLY K 464 -11.22 -18.36 -23.51
C GLY K 464 -10.68 -19.26 -22.41
N SER K 465 -9.99 -18.66 -21.42
CA SER K 465 -9.49 -19.48 -20.32
C SER K 465 -10.63 -20.16 -19.58
N ARG K 466 -11.82 -19.56 -19.60
CA ARG K 466 -13.02 -20.20 -19.08
C ARG K 466 -13.83 -20.89 -20.16
N ASN K 467 -13.37 -20.85 -21.41
CA ASN K 467 -14.00 -21.55 -22.53
C ASN K 467 -15.42 -21.04 -22.78
N THR K 468 -15.52 -19.75 -23.12
CA THR K 468 -16.77 -19.18 -23.56
C THR K 468 -17.02 -19.51 -25.02
N TYR K 469 -18.27 -19.36 -25.44
CA TYR K 469 -18.71 -19.80 -26.77
C TYR K 469 -19.17 -18.62 -27.62
N LEU K 470 -18.78 -18.66 -28.89
CA LEU K 470 -19.14 -17.65 -29.88
C LEU K 470 -19.96 -18.30 -30.98
N VAL K 471 -20.84 -17.49 -31.59
CA VAL K 471 -21.88 -17.96 -32.51
C VAL K 471 -21.56 -17.48 -33.93
N HIS K 472 -21.92 -18.30 -34.90
CA HIS K 472 -21.69 -18.07 -36.31
C HIS K 472 -22.93 -18.44 -37.10
N CYS K 473 -23.18 -17.68 -38.16
CA CYS K 473 -24.28 -17.90 -39.09
C CYS K 473 -23.70 -18.22 -40.47
N GLU K 474 -24.60 -18.46 -41.43
CA GLU K 474 -24.17 -18.76 -42.79
C GLU K 474 -23.47 -17.57 -43.43
N GLY K 475 -24.00 -16.36 -43.23
CA GLY K 475 -23.41 -15.18 -43.84
C GLY K 475 -21.95 -15.00 -43.46
N CYS K 476 -21.64 -15.30 -42.20
CA CYS K 476 -20.26 -15.13 -41.70
C CYS K 476 -19.48 -16.45 -41.86
N ALA K 477 -20.17 -17.59 -41.81
CA ALA K 477 -19.46 -18.86 -42.06
C ALA K 477 -18.56 -18.64 -43.28
N ARG K 478 -18.95 -17.67 -44.13
CA ARG K 478 -18.14 -17.35 -45.33
C ARG K 478 -16.78 -16.82 -44.87
N ARG K 479 -16.77 -15.69 -44.17
CA ARG K 479 -15.47 -15.10 -43.76
C ARG K 479 -14.67 -16.19 -43.06
N ARG K 480 -15.37 -17.08 -42.35
CA ARG K 480 -14.68 -18.20 -41.65
C ARG K 480 -13.85 -19.00 -42.68
N SER K 481 -14.53 -19.58 -43.67
CA SER K 481 -13.82 -20.43 -44.67
C SER K 481 -14.75 -20.83 -45.79
N ALA K 482 -14.34 -21.82 -46.58
CA ALA K 482 -15.24 -22.35 -47.63
C ALA K 482 -16.47 -22.88 -46.89
N GLY K 483 -17.67 -22.52 -47.32
CA GLY K 483 -18.86 -22.93 -46.53
C GLY K 483 -18.41 -22.76 -45.09
N LEU K 484 -18.45 -23.82 -44.29
CA LEU K 484 -17.92 -23.75 -42.91
C LEU K 484 -16.88 -24.86 -42.67
N GLN K 485 -15.79 -24.53 -41.97
CA GLN K 485 -14.80 -25.59 -41.64
C GLN K 485 -14.16 -25.23 -40.30
N GLY K 486 -14.73 -25.76 -39.21
CA GLY K 486 -14.13 -25.52 -37.88
C GLY K 486 -15.17 -25.32 -36.81
N VAL K 487 -16.29 -24.68 -37.13
CA VAL K 487 -17.29 -24.36 -36.06
C VAL K 487 -18.36 -25.44 -35.97
N VAL K 488 -18.74 -25.85 -34.76
CA VAL K 488 -19.80 -26.83 -34.54
C VAL K 488 -21.11 -26.28 -35.08
N VAL K 489 -22.04 -27.20 -35.36
CA VAL K 489 -23.40 -26.86 -35.74
C VAL K 489 -24.33 -27.47 -34.70
N LEU K 490 -25.26 -26.66 -34.19
CA LEU K 490 -26.18 -27.11 -33.15
C LEU K 490 -27.56 -26.52 -33.46
N GLU K 491 -28.43 -27.36 -33.99
CA GLU K 491 -29.80 -26.96 -34.32
C GLU K 491 -30.74 -27.52 -33.25
N GLN K 492 -31.56 -26.67 -32.64
CA GLN K 492 -32.35 -27.12 -31.46
C GLN K 492 -33.74 -27.66 -31.82
N TYR K 493 -34.17 -27.55 -33.07
CA TYR K 493 -35.49 -28.02 -33.46
C TYR K 493 -35.35 -28.89 -34.70
N ARG K 494 -35.72 -30.16 -34.58
CA ARG K 494 -35.80 -31.02 -35.75
C ARG K 494 -36.86 -30.47 -36.70
N THR K 495 -36.62 -30.61 -38.00
CA THR K 495 -37.60 -30.13 -38.96
C THR K 495 -38.98 -30.74 -38.71
N GLU K 496 -39.02 -31.97 -38.20
CA GLU K 496 -40.29 -32.60 -37.89
C GLU K 496 -41.03 -31.84 -36.79
N GLU K 497 -40.33 -31.46 -35.72
CA GLU K 497 -40.98 -30.77 -34.61
C GLU K 497 -41.46 -29.39 -35.04
N LEU K 498 -40.62 -28.65 -35.77
CA LEU K 498 -41.01 -27.32 -36.22
C LEU K 498 -42.18 -27.41 -37.20
N ALA K 499 -42.18 -28.40 -38.08
CA ALA K 499 -43.32 -28.60 -38.97
C ALA K 499 -44.58 -28.93 -38.19
N GLN K 500 -44.45 -29.74 -37.14
CA GLN K 500 -45.59 -30.03 -36.29
C GLN K 500 -46.13 -28.76 -35.65
N ALA K 501 -45.25 -27.91 -35.14
CA ALA K 501 -45.69 -26.64 -34.56
C ALA K 501 -46.37 -25.77 -35.62
N TYR K 502 -45.80 -25.71 -36.81
CA TYR K 502 -46.41 -24.98 -37.92
C TYR K 502 -47.83 -25.48 -38.17
N ASP K 503 -47.99 -26.79 -38.26
CA ASP K 503 -49.32 -27.37 -38.42
C ASP K 503 -50.23 -26.95 -37.28
N ALA K 504 -49.70 -26.90 -36.06
CA ALA K 504 -50.48 -26.48 -34.91
C ALA K 504 -50.97 -25.05 -35.05
N PHE K 505 -50.36 -24.24 -35.91
CA PHE K 505 -50.75 -22.84 -36.01
C PHE K 505 -52.11 -22.77 -36.71
N THR K 506 -53.08 -22.14 -36.06
CA THR K 506 -54.43 -22.09 -36.59
C THR K 506 -55.08 -20.77 -36.18
N LEU K 507 -56.13 -20.40 -36.92
CA LEU K 507 -56.86 -19.16 -36.68
C LEU K 507 -58.10 -19.49 -35.87
N ALA K 508 -58.03 -19.25 -34.56
CA ALA K 508 -59.19 -19.48 -33.68
C ALA K 508 -60.37 -18.62 -34.13
N PRO K 509 -61.64 -18.99 -33.82
CA PRO K 509 -62.84 -18.25 -34.28
C PRO K 509 -63.28 -17.19 -33.29
N ALA K 510 -62.52 -17.02 -32.21
CA ALA K 510 -62.84 -15.98 -31.20
C ALA K 510 -63.76 -14.93 -31.81
FE FE L . -38.95 6.53 -29.20
ZN ZN M . -23.47 -13.93 -39.10
C4 OH0 N . -37.60 3.43 -25.14
C2 OH0 N . -35.10 3.53 -25.18
O2 OH0 N . -41.34 8.15 -23.36
C5 OH0 N . -37.92 4.70 -24.35
C6 OH0 N . -37.16 5.91 -24.87
N OH0 N . -37.25 7.21 -24.23
C OH0 N . -34.17 1.42 -26.09
O OH0 N . -36.52 8.28 -24.76
C1 OH0 N . -33.86 2.63 -25.21
C3 OH0 N . -36.31 2.78 -24.63
C7 OH0 N . -38.08 7.45 -23.06
C8 OH0 N . -38.97 8.64 -23.35
C9 OH0 N . -40.32 8.43 -22.66
O1 OH0 N . -40.40 8.52 -21.41
O3 OH0 N . -36.46 5.82 -25.83
#